data_5EE4
#
_entry.id   5EE4
#
_cell.length_a   54.790
_cell.length_b   87.210
_cell.length_c   124.320
_cell.angle_alpha   90.000
_cell.angle_beta   98.130
_cell.angle_gamma   90.000
#
_symmetry.space_group_name_H-M   'P 1 21 1'
#
loop_
_entity.id
_entity.type
_entity.pdbx_description
1 polymer HpuA
2 polymer 'Hemoglobin subunit alpha'
3 polymer 'Hemoglobin subunit beta'
4 non-polymer GLYCEROL
5 non-polymer 'PROTOPORPHYRIN IX CONTAINING FE'
6 non-polymer 'OXYGEN MOLECULE'
7 water water
#
loop_
_entity_poly.entity_id
_entity_poly.type
_entity_poly.pdbx_seq_one_letter_code
_entity_poly.pdbx_strand_id
1 'polypeptide(L)'
;GPGGTAINEPLTAAPIPVLRAVDTTSPNIVADTSTDREQRTFATQGGSVKPFTITKPSPYIPGLMLTNQEILYQAPDGKY
YDFGTYNTLIMPSSSTSARVLPNSHPMQPLDSGGKMIACCTNQTSTGMNALRLKSMQFGAWMSPSKTVSLFAGGTPAPTD
TLQGVDTAGRPTGKATYEVIGLRVKNDRAVTSSYETRYSPYNTGQVVTGSFLTVNFNTGKLGGTIVGNSEFGDSIEMRDV
NVNGNQFSGTASSGGHTGQVSGGLFAKEERFYSGTLEHPSGGEIGGTVNFGSNSPLNASFGGTRREYNAADTSTDTSHLV
SP
;
A,B
2 'polypeptide(L)'
;VLSPADKTNVKAAWGKVGAHAGEYGAEALERMFLSFPTTKTYFPHFDLSHGSAQVKGHGKKVADALTNAVAHVDDMPNAL
SALSDLHAHKLRVDPVNFKLLSHCLLVTLAAHLPAEFTPAVHASLDKFLASVSTVLTSKYR
;
C,E
3 'polypeptide(L)'
;VHLTPEEKSAVTALWGKVNVDEVGGEALGRLLVVYPWTQRFFESFGDLSTPDAVMGNPKVKAHGKKVLGAFSDGLAHLDN
LKGTFATLSELHCDKLHVDPENFRLLGNVLVCVLAHHFGKEFTPPVQAAYQKVVAGVANALAHKYH
;
D,F
#
loop_
_chem_comp.id
_chem_comp.type
_chem_comp.name
_chem_comp.formula
GOL non-polymer GLYCEROL 'C3 H8 O3'
HEM non-polymer 'PROTOPORPHYRIN IX CONTAINING FE' 'C34 H32 Fe N4 O4'
OXY non-polymer 'OXYGEN MOLECULE' O2
#
# COMPACT_ATOMS: atom_id res chain seq x y z
N PRO A 15 -31.44 -10.65 -40.56
CA PRO A 15 -30.79 -10.76 -41.87
C PRO A 15 -29.53 -9.92 -42.05
N ILE A 16 -28.53 -10.56 -42.64
CA ILE A 16 -27.18 -10.04 -42.82
C ILE A 16 -27.23 -8.95 -43.89
N PRO A 17 -26.59 -7.82 -43.63
CA PRO A 17 -26.73 -6.72 -44.59
C PRO A 17 -25.80 -6.91 -45.77
N VAL A 18 -25.91 -6.05 -46.78
CA VAL A 18 -25.20 -6.21 -48.02
C VAL A 18 -23.94 -5.40 -47.87
N LEU A 19 -22.81 -5.98 -48.23
CA LEU A 19 -21.53 -5.27 -48.21
C LEU A 19 -21.31 -4.49 -49.48
N ARG A 20 -21.07 -3.20 -49.33
CA ARG A 20 -20.83 -2.32 -50.44
C ARG A 20 -19.33 -2.14 -50.65
N ALA A 21 -18.93 -2.07 -51.91
CA ALA A 21 -17.54 -2.00 -52.26
C ALA A 21 -16.98 -0.72 -51.70
N VAL A 22 -15.73 -0.77 -51.29
CA VAL A 22 -15.02 0.43 -50.86
C VAL A 22 -14.70 1.31 -52.07
N ASP A 23 -14.97 2.63 -51.94
CA ASP A 23 -14.55 3.61 -52.94
C ASP A 23 -13.09 4.10 -52.79
N THR A 24 -12.18 3.54 -53.57
CA THR A 24 -10.75 3.81 -53.42
C THR A 24 -10.35 5.03 -54.21
N THR A 25 -11.34 5.66 -54.83
CA THR A 25 -11.23 7.01 -55.36
C THR A 25 -11.09 8.10 -54.32
N SER A 26 -11.59 7.85 -53.11
CA SER A 26 -11.57 8.84 -52.01
C SER A 26 -10.14 9.29 -51.72
N PRO A 27 -9.94 10.58 -51.38
CA PRO A 27 -8.61 11.02 -50.94
C PRO A 27 -8.23 10.46 -49.57
N ASN A 28 -9.21 9.99 -48.83
CA ASN A 28 -8.97 9.23 -47.59
C ASN A 28 -8.32 7.86 -47.77
N ILE A 29 -8.60 7.19 -48.88
CA ILE A 29 -8.02 5.87 -49.19
C ILE A 29 -6.98 5.96 -50.30
N VAL A 30 -5.75 5.65 -49.97
CA VAL A 30 -4.64 5.90 -50.84
C VAL A 30 -3.83 4.61 -50.89
N ALA A 31 -3.60 4.14 -52.12
CA ALA A 31 -2.98 2.87 -52.32
C ALA A 31 -1.52 2.98 -51.96
N ASP A 32 -0.96 1.87 -51.48
CA ASP A 32 0.38 1.88 -50.91
C ASP A 32 1.38 1.22 -51.83
N THR A 33 2.26 2.03 -52.38
CA THR A 33 3.19 1.58 -53.41
C THR A 33 4.60 1.38 -52.88
N SER A 34 4.82 1.50 -51.57
CA SER A 34 6.11 1.13 -50.98
C SER A 34 6.46 -0.36 -51.18
N THR A 35 7.73 -0.65 -51.44
CA THR A 35 8.13 -2.04 -51.60
C THR A 35 7.92 -2.84 -50.35
N ASP A 36 8.01 -2.21 -49.19
CA ASP A 36 7.94 -2.96 -47.92
C ASP A 36 6.51 -3.37 -47.58
N ARG A 37 5.52 -2.74 -48.23
CA ARG A 37 4.12 -3.08 -47.98
C ARG A 37 3.59 -3.96 -49.08
N GLU A 38 4.48 -4.48 -49.93
CA GLU A 38 4.06 -5.31 -51.07
C GLU A 38 3.35 -6.53 -50.55
N GLN A 39 2.15 -6.76 -51.06
CA GLN A 39 1.39 -7.94 -50.68
C GLN A 39 1.51 -9.08 -51.71
N ARG A 40 1.43 -10.31 -51.24
CA ARG A 40 1.36 -11.46 -52.11
C ARG A 40 0.13 -12.27 -51.80
N THR A 41 -0.49 -12.80 -52.84
CA THR A 41 -1.72 -13.56 -52.70
C THR A 41 -1.71 -14.81 -53.54
N PHE A 42 -2.15 -15.92 -52.95
CA PHE A 42 -2.47 -17.16 -53.65
C PHE A 42 -4.00 -17.29 -53.78
N ALA A 43 -4.47 -17.52 -55.00
CA ALA A 43 -5.90 -17.43 -55.29
C ALA A 43 -6.27 -18.41 -56.38
N THR A 44 -7.31 -19.20 -56.16
CA THR A 44 -7.64 -20.25 -57.15
C THR A 44 -8.10 -19.66 -58.49
N GLN A 45 -8.81 -18.53 -58.44
CA GLN A 45 -9.38 -17.93 -59.65
C GLN A 45 -9.32 -16.43 -59.53
N GLY A 46 -8.13 -15.89 -59.27
CA GLY A 46 -7.97 -14.43 -59.11
C GLY A 46 -8.51 -13.78 -57.82
N GLY A 47 -8.30 -12.49 -57.69
CA GLY A 47 -8.44 -11.81 -56.43
C GLY A 47 -7.10 -11.61 -55.74
N SER A 48 -6.94 -10.47 -55.06
CA SER A 48 -5.71 -10.25 -54.28
C SER A 48 -5.94 -9.34 -53.11
N VAL A 49 -5.11 -9.49 -52.09
CA VAL A 49 -5.09 -8.54 -51.00
C VAL A 49 -4.11 -7.44 -51.31
N LYS A 50 -4.52 -6.21 -50.99
CA LYS A 50 -3.89 -4.99 -51.52
C LYS A 50 -3.74 -3.97 -50.38
N PRO A 51 -2.54 -3.37 -50.29
CA PRO A 51 -2.17 -2.50 -49.18
C PRO A 51 -2.67 -1.07 -49.40
N PHE A 52 -3.26 -0.47 -48.38
CA PHE A 52 -3.67 0.94 -48.43
C PHE A 52 -3.22 1.68 -47.17
N THR A 53 -3.08 3.00 -47.25
CA THR A 53 -3.20 3.88 -46.07
C THR A 53 -4.57 4.55 -46.03
N ILE A 54 -5.24 4.42 -44.88
CA ILE A 54 -6.64 4.81 -44.75
C ILE A 54 -6.87 5.76 -43.58
N THR A 55 -7.54 6.88 -43.88
CA THR A 55 -7.68 7.98 -42.96
C THR A 55 -9.13 8.11 -42.66
N LYS A 56 -9.48 7.86 -41.41
CA LYS A 56 -10.89 7.74 -41.02
C LYS A 56 -11.14 8.41 -39.66
N PRO A 57 -12.39 8.83 -39.39
CA PRO A 57 -12.67 9.44 -38.11
C PRO A 57 -12.78 8.40 -36.99
N SER A 58 -12.48 8.81 -35.74
CA SER A 58 -12.76 7.98 -34.52
C SER A 58 -14.20 8.08 -34.05
N PRO A 59 -14.86 6.92 -33.80
CA PRO A 59 -16.20 6.89 -33.14
C PRO A 59 -16.22 7.28 -31.66
N TYR A 60 -15.04 7.53 -31.10
CA TYR A 60 -14.86 7.74 -29.64
C TYR A 60 -14.41 9.14 -29.26
N ILE A 61 -13.70 9.83 -30.15
CA ILE A 61 -13.49 11.27 -30.04
C ILE A 61 -13.85 11.94 -31.36
N PRO A 62 -14.85 12.85 -31.36
CA PRO A 62 -15.24 13.60 -32.57
C PRO A 62 -14.17 14.58 -33.11
N GLY A 63 -14.24 14.89 -34.41
CA GLY A 63 -13.32 15.83 -35.04
C GLY A 63 -11.88 15.35 -35.17
N LEU A 64 -11.65 14.05 -35.00
CA LEU A 64 -10.33 13.45 -35.22
C LEU A 64 -10.32 12.72 -36.53
N MET A 65 -9.20 12.79 -37.23
CA MET A 65 -8.91 11.89 -38.34
C MET A 65 -7.66 11.07 -38.09
N LEU A 66 -7.81 9.75 -38.11
CA LEU A 66 -6.73 8.83 -37.83
C LEU A 66 -6.30 8.20 -39.13
N THR A 67 -4.99 8.17 -39.35
CA THR A 67 -4.41 7.59 -40.55
C THR A 67 -3.60 6.34 -40.21
N ASN A 68 -4.05 5.18 -40.74
CA ASN A 68 -3.40 3.88 -40.51
C ASN A 68 -3.23 3.02 -41.79
N GLN A 69 -2.13 2.28 -41.84
CA GLN A 69 -1.87 1.27 -42.85
C GLN A 69 -2.86 0.14 -42.70
N GLU A 70 -3.49 -0.27 -43.78
CA GLU A 70 -4.45 -1.36 -43.77
C GLU A 70 -4.38 -2.15 -45.05
N ILE A 71 -5.12 -3.24 -45.12
CA ILE A 71 -5.25 -4.07 -46.32
C ILE A 71 -6.73 -4.16 -46.75
N LEU A 72 -6.99 -4.08 -48.05
CA LEU A 72 -8.29 -4.43 -48.62
C LEU A 72 -8.23 -5.69 -49.50
N TYR A 73 -9.37 -6.33 -49.69
CA TYR A 73 -9.50 -7.41 -50.65
C TYR A 73 -10.05 -6.91 -52.00
N GLN A 74 -9.23 -6.99 -53.05
CA GLN A 74 -9.72 -6.81 -54.41
C GLN A 74 -10.25 -8.11 -55.05
N ALA A 75 -11.54 -8.15 -55.35
CA ALA A 75 -12.17 -9.32 -55.89
C ALA A 75 -11.79 -9.45 -57.37
N PRO A 76 -12.08 -10.60 -57.98
CA PRO A 76 -11.77 -10.78 -59.41
C PRO A 76 -12.49 -9.80 -60.37
N ASP A 77 -13.69 -9.36 -59.99
CA ASP A 77 -14.44 -8.39 -60.82
C ASP A 77 -13.84 -7.00 -60.72
N GLY A 78 -12.77 -6.85 -59.95
CA GLY A 78 -12.05 -5.57 -59.86
C GLY A 78 -12.37 -4.73 -58.61
N LYS A 79 -13.44 -5.10 -57.90
CA LYS A 79 -13.92 -4.32 -56.77
C LYS A 79 -13.25 -4.63 -55.42
N TYR A 80 -13.24 -3.64 -54.53
CA TYR A 80 -12.51 -3.72 -53.28
C TYR A 80 -13.48 -3.81 -52.11
N TYR A 81 -13.08 -4.59 -51.10
CA TYR A 81 -13.93 -4.88 -49.94
C TYR A 81 -13.09 -4.82 -48.67
N ASP A 82 -13.71 -4.38 -47.56
CA ASP A 82 -13.05 -4.41 -46.28
C ASP A 82 -13.48 -5.62 -45.46
N PHE A 83 -12.82 -5.79 -44.32
CA PHE A 83 -13.10 -6.92 -43.45
C PHE A 83 -13.81 -6.44 -42.22
N GLY A 84 -15.02 -6.94 -42.01
CA GLY A 84 -15.89 -6.44 -40.95
C GLY A 84 -16.61 -7.58 -40.29
N THR A 85 -17.62 -7.25 -39.50
CA THR A 85 -18.25 -8.22 -38.62
C THR A 85 -18.90 -9.30 -39.39
N TYR A 86 -19.52 -8.89 -40.49
CA TYR A 86 -20.41 -9.75 -41.20
C TYR A 86 -19.71 -10.61 -42.26
N ASN A 87 -18.53 -10.22 -42.76
CA ASN A 87 -17.84 -11.09 -43.74
C ASN A 87 -16.67 -11.86 -43.16
N THR A 88 -16.75 -12.19 -41.87
CA THR A 88 -15.67 -12.91 -41.18
C THR A 88 -16.28 -14.05 -40.40
N LEU A 89 -15.45 -15.01 -40.04
CA LEU A 89 -15.95 -16.29 -39.53
C LEU A 89 -16.63 -16.01 -38.20
N ILE A 90 -17.81 -16.57 -38.00
CA ILE A 90 -18.45 -16.53 -36.68
C ILE A 90 -17.40 -16.71 -35.62
N MET A 91 -17.31 -15.69 -34.78
CA MET A 91 -16.45 -15.70 -33.60
C MET A 91 -16.92 -16.81 -32.64
N PRO A 92 -16.00 -17.64 -32.10
CA PRO A 92 -16.46 -18.67 -31.14
C PRO A 92 -16.95 -18.09 -29.82
N SER A 93 -17.89 -18.79 -29.19
CA SER A 93 -18.47 -18.27 -27.95
C SER A 93 -17.47 -18.31 -26.80
N SER A 94 -17.61 -17.35 -25.87
CA SER A 94 -16.65 -17.19 -24.78
C SER A 94 -17.17 -17.71 -23.42
N SER A 95 -18.34 -18.35 -23.39
CA SER A 95 -19.03 -18.68 -22.12
C SER A 95 -18.16 -19.51 -21.19
N THR A 96 -17.53 -20.56 -21.72
CA THR A 96 -16.65 -21.39 -20.90
C THR A 96 -15.20 -20.88 -21.08
N SER A 97 -14.27 -21.55 -20.38
CA SER A 97 -12.86 -21.56 -20.77
C SER A 97 -12.65 -22.11 -22.20
N ALA A 98 -13.50 -23.08 -22.57
CA ALA A 98 -13.48 -23.76 -23.88
C ALA A 98 -13.92 -22.89 -25.08
N ARG A 99 -13.36 -23.20 -26.25
CA ARG A 99 -13.70 -22.52 -27.50
C ARG A 99 -13.89 -23.52 -28.66
N VAL A 100 -15.09 -23.52 -29.24
CA VAL A 100 -15.36 -24.25 -30.47
C VAL A 100 -15.57 -23.32 -31.66
N LEU A 101 -14.92 -23.62 -32.77
CA LEU A 101 -15.25 -22.93 -34.02
C LEU A 101 -16.43 -23.61 -34.73
N PRO A 102 -17.53 -22.89 -34.94
CA PRO A 102 -18.56 -23.53 -35.73
C PRO A 102 -18.00 -23.95 -37.08
N ASN A 103 -18.43 -25.11 -37.57
CA ASN A 103 -17.93 -25.65 -38.84
C ASN A 103 -18.60 -25.11 -40.10
N SER A 104 -19.62 -24.27 -39.94
CA SER A 104 -20.36 -23.71 -41.06
C SER A 104 -20.66 -22.25 -40.77
N HIS A 105 -20.45 -21.39 -41.75
CA HIS A 105 -20.59 -19.93 -41.57
C HIS A 105 -21.27 -19.32 -42.78
N PRO A 106 -22.15 -18.35 -42.59
CA PRO A 106 -22.76 -17.67 -43.73
C PRO A 106 -21.77 -16.72 -44.40
N MET A 107 -21.82 -16.63 -45.72
CA MET A 107 -21.08 -15.59 -46.42
C MET A 107 -21.93 -14.32 -46.52
N GLN A 108 -21.25 -13.19 -46.72
CA GLN A 108 -21.94 -11.92 -46.78
C GLN A 108 -22.23 -11.59 -48.24
N PRO A 109 -23.52 -11.35 -48.58
CA PRO A 109 -23.86 -10.86 -49.92
C PRO A 109 -23.23 -9.49 -50.21
N LEU A 110 -22.70 -9.34 -51.43
CA LEU A 110 -22.10 -8.13 -51.90
C LEU A 110 -23.06 -7.41 -52.85
N ASP A 111 -22.71 -6.15 -53.11
CA ASP A 111 -23.43 -5.26 -54.04
C ASP A 111 -23.48 -5.90 -55.44
N SER A 112 -22.39 -6.56 -55.81
CA SER A 112 -22.18 -7.10 -57.18
C SER A 112 -23.02 -8.33 -57.53
N GLY A 113 -23.73 -8.89 -56.58
CA GLY A 113 -24.35 -10.20 -56.77
C GLY A 113 -23.64 -11.32 -56.05
N GLY A 114 -22.35 -11.08 -55.77
CA GLY A 114 -21.44 -12.09 -55.24
C GLY A 114 -21.64 -12.32 -53.76
N LYS A 115 -20.77 -13.12 -53.16
CA LYS A 115 -20.68 -13.34 -51.71
C LYS A 115 -19.22 -13.39 -51.24
N MET A 116 -18.97 -13.03 -49.99
CA MET A 116 -17.64 -13.03 -49.42
C MET A 116 -17.60 -13.64 -48.01
N ILE A 117 -16.51 -14.36 -47.74
CA ILE A 117 -16.05 -14.69 -46.38
C ILE A 117 -14.53 -14.50 -46.25
N ALA A 118 -14.11 -14.12 -45.02
CA ALA A 118 -12.71 -13.99 -44.65
C ALA A 118 -12.53 -14.40 -43.21
N CYS A 119 -11.29 -14.52 -42.83
CA CYS A 119 -10.96 -15.16 -41.59
C CYS A 119 -11.38 -14.33 -40.40
N CYS A 120 -10.83 -13.11 -40.29
CA CYS A 120 -10.95 -12.31 -39.07
C CYS A 120 -10.95 -10.81 -39.36
N THR A 121 -11.43 -10.01 -38.41
CA THR A 121 -11.17 -8.58 -38.43
C THR A 121 -9.90 -8.30 -37.70
N ASN A 122 -9.53 -7.01 -37.61
CA ASN A 122 -8.38 -6.52 -36.80
C ASN A 122 -8.69 -6.22 -35.31
N GLN A 123 -9.94 -6.43 -34.91
CA GLN A 123 -10.41 -6.31 -33.51
C GLN A 123 -9.85 -7.38 -32.58
N THR A 124 -9.80 -7.07 -31.28
CA THR A 124 -9.30 -7.99 -30.30
C THR A 124 -10.23 -9.20 -30.11
N SER A 125 -9.61 -10.33 -29.73
CA SER A 125 -10.36 -11.50 -29.28
C SER A 125 -9.46 -12.39 -28.41
N THR A 126 -10.03 -13.45 -27.85
CA THR A 126 -9.21 -14.40 -27.09
C THR A 126 -9.50 -15.84 -27.47
N GLY A 127 -8.46 -16.67 -27.36
CA GLY A 127 -8.61 -18.08 -27.01
C GLY A 127 -8.17 -19.00 -28.14
N MET A 128 -8.30 -18.53 -29.38
CA MET A 128 -8.09 -19.38 -30.57
C MET A 128 -7.12 -18.72 -31.48
N ASN A 129 -5.86 -19.12 -31.35
CA ASN A 129 -4.73 -18.38 -31.94
C ASN A 129 -4.75 -18.33 -33.49
N ALA A 130 -5.26 -19.35 -34.15
CA ALA A 130 -5.23 -19.39 -35.60
C ALA A 130 -6.15 -18.35 -36.24
N LEU A 131 -7.06 -17.79 -35.47
CA LEU A 131 -7.90 -16.68 -35.94
C LEU A 131 -7.33 -15.30 -35.69
N ARG A 132 -6.16 -15.22 -35.07
CA ARG A 132 -5.65 -13.92 -34.72
C ARG A 132 -4.55 -13.57 -35.68
N LEU A 133 -4.93 -13.37 -36.94
CA LEU A 133 -3.96 -12.99 -37.96
C LEU A 133 -3.72 -11.48 -38.06
N LYS A 134 -2.46 -11.10 -38.18
CA LYS A 134 -2.09 -9.69 -38.25
C LYS A 134 -1.42 -9.24 -39.56
N SER A 135 -0.92 -10.20 -40.35
CA SER A 135 -0.18 -9.88 -41.56
C SER A 135 -0.70 -10.59 -42.83
N MET A 136 -1.89 -11.17 -42.74
CA MET A 136 -2.47 -11.89 -43.83
C MET A 136 -3.97 -12.09 -43.62
N GLN A 137 -4.64 -12.44 -44.71
CA GLN A 137 -6.04 -12.85 -44.68
C GLN A 137 -6.21 -14.07 -45.52
N PHE A 138 -7.19 -14.87 -45.17
CA PHE A 138 -7.69 -15.83 -46.12
C PHE A 138 -9.22 -15.90 -46.12
N GLY A 139 -9.75 -16.53 -47.16
CA GLY A 139 -11.19 -16.67 -47.28
C GLY A 139 -11.59 -17.09 -48.68
N ALA A 140 -12.78 -16.65 -49.08
CA ALA A 140 -13.30 -16.95 -50.42
C ALA A 140 -14.20 -15.84 -50.92
N TRP A 141 -14.14 -15.59 -52.22
CA TRP A 141 -15.11 -14.79 -52.95
C TRP A 141 -15.94 -15.69 -53.89
N MET A 142 -17.27 -15.58 -53.84
CA MET A 142 -18.18 -16.23 -54.79
C MET A 142 -18.72 -15.19 -55.77
N SER A 143 -18.65 -15.50 -57.07
CA SER A 143 -19.17 -14.63 -58.13
C SER A 143 -20.69 -14.63 -58.14
N PRO A 144 -21.29 -13.66 -58.87
CA PRO A 144 -22.76 -13.76 -59.15
C PRO A 144 -23.18 -15.07 -59.86
N SER A 145 -22.27 -15.62 -60.67
CA SER A 145 -22.41 -16.96 -61.27
C SER A 145 -22.23 -18.18 -60.38
N LYS A 146 -21.95 -17.99 -59.10
CA LYS A 146 -21.73 -19.10 -58.14
C LYS A 146 -20.40 -19.89 -58.26
N THR A 147 -19.51 -19.43 -59.14
CA THR A 147 -18.12 -19.87 -59.13
C THR A 147 -17.41 -19.21 -57.93
N VAL A 148 -16.42 -19.90 -57.39
CA VAL A 148 -15.73 -19.48 -56.15
C VAL A 148 -14.25 -19.27 -56.43
N SER A 149 -13.67 -18.13 -56.04
CA SER A 149 -12.20 -18.01 -55.90
C SER A 149 -11.70 -17.97 -54.47
N LEU A 150 -11.08 -19.04 -54.00
CA LEU A 150 -10.54 -19.07 -52.67
C LEU A 150 -9.15 -18.45 -52.62
N PHE A 151 -8.82 -17.79 -51.50
CA PHE A 151 -7.61 -16.98 -51.44
C PHE A 151 -6.92 -16.99 -50.12
N ALA A 152 -5.63 -16.67 -50.19
CA ALA A 152 -4.81 -16.43 -49.01
C ALA A 152 -3.66 -15.51 -49.36
N GLY A 153 -3.57 -14.38 -48.65
CA GLY A 153 -2.59 -13.35 -49.02
C GLY A 153 -2.23 -12.40 -47.91
N GLY A 154 -1.14 -11.66 -48.08
CA GLY A 154 -0.57 -10.90 -46.98
C GLY A 154 0.81 -10.36 -47.26
N THR A 155 1.44 -9.90 -46.18
CA THR A 155 2.85 -9.49 -46.17
C THR A 155 3.74 -10.74 -46.16
N PRO A 156 4.47 -10.97 -47.27
CA PRO A 156 5.33 -12.14 -47.24
C PRO A 156 6.45 -11.94 -46.24
N ALA A 157 6.88 -13.05 -45.66
CA ALA A 157 7.98 -13.08 -44.71
C ALA A 157 9.31 -12.84 -45.40
N PRO A 158 9.95 -11.67 -45.18
CA PRO A 158 11.22 -11.43 -45.87
C PRO A 158 12.22 -12.53 -45.54
N THR A 159 12.92 -12.99 -46.57
CA THR A 159 13.78 -14.15 -46.47
C THR A 159 15.04 -13.80 -45.71
N ASP A 160 15.45 -12.53 -45.72
CA ASP A 160 16.62 -12.16 -44.95
C ASP A 160 16.47 -12.36 -43.41
N THR A 161 15.25 -12.45 -42.91
CA THR A 161 15.01 -12.58 -41.48
C THR A 161 14.21 -13.83 -41.18
N LEU A 162 14.26 -14.81 -42.06
CA LEU A 162 13.72 -16.14 -41.69
C LEU A 162 14.56 -16.81 -40.61
N GLN A 163 14.01 -17.84 -40.02
CA GLN A 163 14.60 -18.42 -38.89
C GLN A 163 15.87 -19.14 -39.29
N GLY A 164 16.95 -18.92 -38.52
CA GLY A 164 18.26 -19.52 -38.78
C GLY A 164 19.18 -18.60 -39.55
N VAL A 165 18.63 -17.57 -40.22
CA VAL A 165 19.40 -16.74 -41.14
C VAL A 165 20.44 -15.84 -40.44
N ASP A 166 20.08 -15.35 -39.26
CA ASP A 166 21.01 -14.55 -38.45
C ASP A 166 22.33 -15.30 -38.22
N THR A 167 22.24 -16.54 -37.76
CA THR A 167 23.42 -17.35 -37.54
C THR A 167 24.02 -17.91 -38.84
N ALA A 168 23.18 -18.55 -39.66
CA ALA A 168 23.66 -19.45 -40.73
C ALA A 168 23.60 -18.84 -42.11
N GLY A 169 23.06 -17.62 -42.24
CA GLY A 169 22.89 -16.96 -43.55
C GLY A 169 21.92 -17.63 -44.51
N ARG A 170 21.29 -18.72 -44.06
CA ARG A 170 20.21 -19.41 -44.78
C ARG A 170 19.25 -19.95 -43.72
N PRO A 171 17.99 -20.21 -44.11
CA PRO A 171 17.02 -20.79 -43.14
C PRO A 171 17.36 -22.16 -42.61
N THR A 172 17.14 -22.38 -41.32
CA THR A 172 17.47 -23.63 -40.69
C THR A 172 16.38 -23.98 -39.68
N GLY A 173 16.30 -25.24 -39.28
CA GLY A 173 15.48 -25.67 -38.16
C GLY A 173 14.10 -26.14 -38.58
N LYS A 174 13.18 -26.17 -37.64
CA LYS A 174 11.77 -26.49 -37.90
C LYS A 174 10.85 -25.43 -37.31
N ALA A 175 9.63 -25.34 -37.82
CA ALA A 175 8.59 -24.54 -37.21
C ALA A 175 7.27 -25.22 -37.39
N THR A 176 6.38 -25.06 -36.42
CA THR A 176 5.06 -25.73 -36.44
C THR A 176 3.94 -24.73 -36.34
N TYR A 177 2.98 -24.82 -37.25
CA TYR A 177 1.91 -23.83 -37.38
C TYR A 177 0.57 -24.49 -37.12
N GLU A 178 -0.31 -23.71 -36.53
CA GLU A 178 -1.69 -24.06 -36.25
C GLU A 178 -2.59 -23.35 -37.24
N VAL A 179 -3.42 -24.08 -37.97
CA VAL A 179 -4.15 -23.52 -39.11
C VAL A 179 -5.59 -23.97 -39.20
N ILE A 180 -6.30 -23.16 -39.93
CA ILE A 180 -7.67 -23.44 -40.28
C ILE A 180 -7.78 -23.46 -41.80
N GLY A 181 -8.42 -24.53 -42.28
CA GLY A 181 -8.84 -24.64 -43.66
C GLY A 181 -10.30 -24.27 -43.86
N LEU A 182 -10.61 -23.83 -45.08
CA LEU A 182 -11.89 -23.27 -45.47
C LEU A 182 -12.25 -23.75 -46.86
N ARG A 183 -13.44 -24.32 -47.00
CA ARG A 183 -14.04 -24.52 -48.31
C ARG A 183 -15.34 -23.73 -48.41
N VAL A 184 -15.92 -23.71 -49.60
CA VAL A 184 -17.33 -23.32 -49.81
C VAL A 184 -18.21 -24.49 -50.29
N LYS A 185 -19.30 -24.74 -49.57
CA LYS A 185 -20.26 -25.83 -49.89
C LYS A 185 -21.67 -25.43 -49.58
N ASN A 186 -22.48 -25.32 -50.63
CA ASN A 186 -23.92 -24.97 -50.53
C ASN A 186 -24.16 -23.52 -50.14
N ASP A 187 -23.39 -22.63 -50.74
CA ASP A 187 -23.41 -21.22 -50.34
C ASP A 187 -23.08 -20.99 -48.84
N ARG A 188 -22.28 -21.86 -48.26
CA ARG A 188 -21.72 -21.58 -46.95
C ARG A 188 -20.22 -21.84 -46.93
N ALA A 189 -19.52 -21.01 -46.16
CA ALA A 189 -18.14 -21.29 -45.83
C ALA A 189 -18.11 -22.43 -44.82
N VAL A 190 -17.25 -23.42 -45.08
CA VAL A 190 -17.06 -24.55 -44.13
C VAL A 190 -15.59 -24.65 -43.72
N THR A 191 -15.38 -24.99 -42.45
CA THR A 191 -14.10 -24.91 -41.81
C THR A 191 -13.62 -26.21 -41.13
N SER A 192 -12.28 -26.39 -41.10
CA SER A 192 -11.67 -27.54 -40.48
C SER A 192 -11.94 -27.50 -38.98
N SER A 193 -11.87 -28.66 -38.35
CA SER A 193 -12.23 -28.82 -36.97
C SER A 193 -11.23 -28.05 -36.07
N TYR A 194 -11.75 -27.24 -35.17
CA TYR A 194 -10.91 -26.43 -34.31
C TYR A 194 -11.54 -26.22 -32.96
N GLU A 195 -10.83 -26.65 -31.90
CA GLU A 195 -11.35 -26.64 -30.52
C GLU A 195 -10.21 -26.44 -29.47
N THR A 196 -10.39 -25.49 -28.54
CA THR A 196 -9.48 -25.29 -27.38
C THR A 196 -10.23 -25.45 -26.04
N VAL A 206 -4.00 -27.26 -27.90
CA VAL A 206 -5.34 -27.48 -28.44
C VAL A 206 -5.95 -28.82 -28.08
N VAL A 207 -7.23 -28.97 -28.37
CA VAL A 207 -7.95 -30.24 -28.21
C VAL A 207 -7.98 -30.89 -29.60
N THR A 208 -8.52 -30.13 -30.57
CA THR A 208 -8.64 -30.55 -31.97
C THR A 208 -8.28 -29.39 -32.87
N GLY A 209 -7.34 -29.63 -33.78
CA GLY A 209 -6.92 -28.59 -34.71
C GLY A 209 -6.12 -29.21 -35.83
N SER A 210 -5.49 -28.34 -36.62
CA SER A 210 -4.74 -28.76 -37.76
C SER A 210 -3.36 -28.15 -37.68
N PHE A 211 -2.35 -28.98 -37.95
CA PHE A 211 -0.99 -28.60 -37.76
C PHE A 211 -0.21 -28.85 -39.01
N LEU A 212 0.58 -27.85 -39.41
CA LEU A 212 1.49 -27.97 -40.52
C LEU A 212 2.89 -27.64 -40.02
N THR A 213 3.89 -28.39 -40.44
CA THR A 213 5.26 -28.17 -39.96
C THR A 213 6.18 -27.99 -41.15
N VAL A 214 6.97 -26.93 -41.10
CA VAL A 214 7.93 -26.64 -42.14
C VAL A 214 9.31 -27.11 -41.63
N ASN A 215 10.03 -27.88 -42.44
CA ASN A 215 11.39 -28.23 -42.08
C ASN A 215 12.32 -27.48 -43.00
N PHE A 216 13.06 -26.53 -42.46
CA PHE A 216 13.91 -25.69 -43.32
C PHE A 216 15.27 -26.40 -43.61
N ASN A 217 15.54 -27.51 -42.93
CA ASN A 217 16.73 -28.31 -43.23
C ASN A 217 16.50 -29.05 -44.53
N THR A 218 15.35 -29.70 -44.63
CA THR A 218 15.02 -30.50 -45.79
C THR A 218 14.24 -29.77 -46.89
N GLY A 219 13.67 -28.61 -46.54
CA GLY A 219 12.79 -27.85 -47.45
C GLY A 219 11.45 -28.53 -47.68
N LYS A 220 10.84 -29.07 -46.64
CA LYS A 220 9.61 -29.83 -46.78
C LYS A 220 8.53 -29.32 -45.87
N LEU A 221 7.28 -29.60 -46.22
CA LEU A 221 6.16 -29.21 -45.39
C LEU A 221 5.17 -30.38 -45.23
N GLY A 222 4.82 -30.68 -44.00
CA GLY A 222 3.97 -31.85 -43.72
C GLY A 222 2.85 -31.50 -42.78
N GLY A 223 1.78 -32.29 -42.79
CA GLY A 223 0.66 -32.09 -41.88
C GLY A 223 -0.71 -32.30 -42.46
N THR A 224 -1.72 -32.21 -41.61
CA THR A 224 -3.07 -32.52 -42.04
C THR A 224 -4.07 -31.47 -41.62
N ILE A 225 -4.87 -31.00 -42.58
CA ILE A 225 -6.03 -30.16 -42.27
C ILE A 225 -7.26 -31.01 -41.95
N VAL A 226 -7.70 -30.98 -40.71
CA VAL A 226 -8.56 -32.04 -40.20
C VAL A 226 -10.01 -31.73 -40.56
N GLY A 227 -10.63 -32.61 -41.33
CA GLY A 227 -12.01 -32.38 -41.79
C GLY A 227 -13.04 -32.74 -40.76
N ASN A 228 -14.30 -32.80 -41.19
CA ASN A 228 -15.45 -33.02 -40.31
C ASN A 228 -16.71 -33.14 -41.15
N SER A 229 -17.84 -33.40 -40.49
CA SER A 229 -19.15 -33.40 -41.17
C SER A 229 -19.33 -32.36 -42.27
N GLU A 230 -18.85 -31.15 -42.06
CA GLU A 230 -19.25 -30.00 -42.89
C GLU A 230 -18.18 -29.68 -43.90
N PHE A 231 -16.94 -29.75 -43.48
CA PHE A 231 -15.79 -29.41 -44.29
C PHE A 231 -15.58 -30.45 -45.37
N GLY A 232 -15.95 -31.69 -45.07
CA GLY A 232 -15.66 -32.83 -45.94
C GLY A 232 -14.47 -33.57 -45.37
N ASP A 233 -13.73 -34.20 -46.26
CA ASP A 233 -12.57 -34.96 -45.89
C ASP A 233 -11.40 -34.05 -45.56
N SER A 234 -10.56 -34.59 -44.70
CA SER A 234 -9.28 -34.06 -44.41
C SER A 234 -8.48 -33.89 -45.68
N ILE A 235 -7.59 -32.91 -45.65
CA ILE A 235 -6.60 -32.70 -46.67
C ILE A 235 -5.20 -33.01 -46.09
N GLU A 236 -4.53 -34.04 -46.62
CA GLU A 236 -3.22 -34.45 -46.12
C GLU A 236 -2.13 -33.90 -47.06
N MET A 237 -1.14 -33.22 -46.49
CA MET A 237 -0.03 -32.78 -47.26
C MET A 237 0.84 -33.95 -47.63
N ARG A 238 1.02 -34.16 -48.93
CA ARG A 238 1.83 -35.30 -49.42
C ARG A 238 3.25 -34.88 -49.75
N ASP A 239 3.50 -34.21 -50.85
CA ASP A 239 4.88 -33.84 -51.12
C ASP A 239 4.98 -32.38 -51.41
N VAL A 240 5.41 -31.61 -50.40
CA VAL A 240 5.36 -30.16 -50.52
C VAL A 240 6.74 -29.58 -50.23
N ASN A 241 7.27 -28.81 -51.18
CA ASN A 241 8.62 -28.28 -51.02
C ASN A 241 8.58 -26.84 -50.66
N VAL A 242 9.56 -26.42 -49.85
CA VAL A 242 9.65 -25.07 -49.36
C VAL A 242 10.92 -24.39 -49.85
N ASN A 243 10.79 -23.17 -50.29
CA ASN A 243 11.90 -22.44 -50.83
C ASN A 243 11.78 -20.99 -50.54
N GLY A 244 12.75 -20.46 -49.79
CA GLY A 244 12.57 -19.15 -49.16
C GLY A 244 11.26 -19.08 -48.39
N ASN A 245 10.35 -18.21 -48.83
CA ASN A 245 9.06 -17.98 -48.17
C ASN A 245 7.87 -18.46 -49.02
N GLN A 246 8.18 -19.30 -50.01
CA GLN A 246 7.21 -20.01 -50.83
C GLN A 246 7.22 -21.48 -50.57
N PHE A 247 6.05 -22.09 -50.67
CA PHE A 247 5.97 -23.54 -50.87
C PHE A 247 4.93 -23.95 -51.94
N SER A 248 5.09 -25.19 -52.42
CA SER A 248 4.15 -25.80 -53.34
C SER A 248 4.35 -27.28 -53.47
N GLY A 249 3.33 -27.97 -53.95
CA GLY A 249 3.41 -29.41 -54.18
C GLY A 249 2.05 -30.04 -54.07
N THR A 250 1.98 -31.25 -53.54
CA THR A 250 0.75 -32.04 -53.65
C THR A 250 0.14 -32.32 -52.29
N ALA A 251 -1.20 -32.36 -52.29
CA ALA A 251 -1.98 -32.87 -51.21
C ALA A 251 -3.02 -33.88 -51.69
N SER A 252 -3.59 -34.65 -50.76
CA SER A 252 -4.68 -35.52 -51.11
C SER A 252 -5.84 -35.41 -50.16
N SER A 253 -7.03 -35.69 -50.65
CA SER A 253 -8.24 -35.60 -49.88
C SER A 253 -9.27 -36.49 -50.50
N GLY A 254 -9.67 -37.55 -49.81
CA GLY A 254 -10.71 -38.46 -50.31
C GLY A 254 -10.37 -39.02 -51.68
N GLY A 255 -9.13 -39.50 -51.79
CA GLY A 255 -8.65 -40.12 -53.01
C GLY A 255 -8.45 -39.18 -54.20
N HIS A 256 -8.60 -37.87 -54.02
CA HIS A 256 -8.21 -36.96 -55.08
C HIS A 256 -6.88 -36.29 -54.74
N THR A 257 -6.16 -35.90 -55.78
CA THR A 257 -4.94 -35.13 -55.59
C THR A 257 -5.18 -33.66 -55.87
N GLY A 258 -4.75 -32.81 -54.94
CA GLY A 258 -4.78 -31.35 -55.14
C GLY A 258 -3.42 -30.68 -55.15
N GLN A 259 -3.35 -29.53 -55.81
CA GLN A 259 -2.16 -28.74 -55.90
C GLN A 259 -2.14 -27.71 -54.76
N VAL A 260 -1.04 -27.72 -54.00
CA VAL A 260 -0.82 -26.82 -52.89
C VAL A 260 0.06 -25.67 -53.37
N SER A 261 -0.40 -24.48 -53.13
CA SER A 261 0.44 -23.32 -53.29
C SER A 261 0.30 -22.37 -52.09
N GLY A 262 1.43 -21.84 -51.63
CA GLY A 262 1.46 -21.05 -50.44
C GLY A 262 2.78 -20.48 -50.09
N GLY A 263 2.79 -19.93 -48.88
CA GLY A 263 3.81 -19.01 -48.43
C GLY A 263 3.81 -18.81 -46.93
N LEU A 264 4.96 -18.34 -46.47
CA LEU A 264 5.11 -17.81 -45.15
C LEU A 264 4.84 -16.31 -45.19
N PHE A 265 4.30 -15.83 -44.09
CA PHE A 265 3.90 -14.46 -43.97
C PHE A 265 4.38 -13.86 -42.63
N ALA A 266 4.36 -12.51 -42.65
CA ALA A 266 4.69 -11.62 -41.55
C ALA A 266 6.16 -11.31 -41.48
N LYS A 267 6.42 -10.02 -41.36
CA LYS A 267 7.74 -9.51 -41.03
C LYS A 267 8.22 -10.04 -39.70
N GLU A 268 9.54 -9.92 -39.51
CA GLU A 268 10.15 -10.32 -38.27
C GLU A 268 9.65 -9.42 -37.12
N GLU A 269 9.69 -9.92 -35.89
CA GLU A 269 9.35 -9.07 -34.75
C GLU A 269 10.62 -8.59 -34.08
N ARG A 270 10.65 -7.30 -33.79
CA ARG A 270 11.82 -6.68 -33.14
C ARG A 270 11.46 -6.08 -31.79
N PHE A 271 12.33 -6.25 -30.80
CA PHE A 271 12.25 -5.36 -29.65
C PHE A 271 12.30 -3.92 -30.07
N TYR A 272 11.68 -3.11 -29.24
CA TYR A 272 11.63 -1.68 -29.42
C TYR A 272 13.05 -1.04 -29.47
N SER A 273 14.06 -1.74 -28.96
CA SER A 273 15.44 -1.38 -29.16
C SER A 273 15.93 -1.52 -30.61
N GLY A 274 15.36 -2.48 -31.31
CA GLY A 274 15.80 -2.83 -32.66
C GLY A 274 16.28 -4.27 -32.78
N THR A 275 16.71 -4.86 -31.68
CA THR A 275 17.09 -6.28 -31.60
C THR A 275 16.02 -7.26 -32.07
N LEU A 276 16.47 -8.37 -32.63
CA LEU A 276 15.57 -9.35 -33.18
C LEU A 276 14.92 -10.16 -32.09
N GLU A 277 13.59 -10.22 -32.10
CA GLU A 277 12.86 -10.98 -31.09
C GLU A 277 12.33 -12.31 -31.66
N HIS A 278 11.56 -12.21 -32.75
CA HIS A 278 11.16 -13.40 -33.46
C HIS A 278 11.48 -13.24 -34.95
N PRO A 279 11.85 -14.37 -35.61
CA PRO A 279 12.12 -14.36 -37.03
C PRO A 279 10.84 -14.08 -37.83
N SER A 280 11.01 -13.66 -39.07
CA SER A 280 9.91 -13.56 -40.01
C SER A 280 9.20 -14.90 -40.21
N GLY A 281 8.02 -14.85 -40.80
CA GLY A 281 7.28 -16.08 -41.04
C GLY A 281 6.51 -16.61 -39.85
N GLY A 282 6.04 -15.73 -38.99
CA GLY A 282 5.17 -16.16 -37.89
C GLY A 282 3.73 -16.51 -38.29
N GLU A 283 3.40 -16.31 -39.56
CA GLU A 283 2.10 -16.67 -40.08
C GLU A 283 2.30 -17.46 -41.38
N ILE A 284 1.27 -18.21 -41.79
CA ILE A 284 1.35 -19.07 -42.96
C ILE A 284 -0.02 -19.13 -43.67
N GLY A 285 0.00 -19.38 -44.99
CA GLY A 285 -1.23 -19.61 -45.69
C GLY A 285 -1.09 -20.10 -47.11
N GLY A 286 -2.21 -20.52 -47.68
CA GLY A 286 -2.18 -21.06 -49.03
C GLY A 286 -3.53 -21.50 -49.54
N THR A 287 -3.49 -22.12 -50.72
CA THR A 287 -4.64 -22.74 -51.29
C THR A 287 -4.33 -24.18 -51.65
N VAL A 288 -5.39 -25.00 -51.75
CA VAL A 288 -5.30 -26.32 -52.33
C VAL A 288 -6.32 -26.46 -53.48
N ASN A 289 -5.85 -26.81 -54.67
CA ASN A 289 -6.65 -26.77 -55.88
C ASN A 289 -6.82 -28.18 -56.49
N PHE A 290 -8.05 -28.68 -56.46
CA PHE A 290 -8.32 -30.06 -56.88
C PHE A 290 -8.83 -30.14 -58.29
N GLY A 291 -8.88 -29.02 -59.00
CA GLY A 291 -9.68 -28.90 -60.23
C GLY A 291 -10.45 -27.60 -60.35
N SER A 292 -10.38 -27.04 -61.53
CA SER A 292 -11.24 -25.96 -61.95
C SER A 292 -12.69 -26.02 -61.41
N ASN A 293 -13.03 -25.04 -60.55
CA ASN A 293 -14.33 -24.98 -59.88
C ASN A 293 -14.75 -26.20 -59.07
N SER A 294 -13.82 -27.09 -58.80
CA SER A 294 -14.04 -28.15 -57.84
C SER A 294 -14.42 -27.54 -56.50
N PRO A 295 -15.48 -28.07 -55.89
CA PRO A 295 -15.92 -27.63 -54.55
C PRO A 295 -15.00 -28.14 -53.43
N LEU A 296 -14.08 -29.04 -53.76
CA LEU A 296 -13.02 -29.49 -52.83
C LEU A 296 -11.95 -28.43 -52.58
N ASN A 297 -11.86 -27.44 -53.44
CA ASN A 297 -10.82 -26.45 -53.33
C ASN A 297 -10.85 -25.72 -52.00
N ALA A 298 -9.67 -25.39 -51.49
CA ALA A 298 -9.53 -24.82 -50.15
C ALA A 298 -8.57 -23.64 -50.09
N SER A 299 -8.85 -22.72 -49.15
CA SER A 299 -7.82 -21.86 -48.61
C SER A 299 -7.56 -22.24 -47.16
N PHE A 300 -6.39 -21.81 -46.68
CA PHE A 300 -6.06 -21.95 -45.29
C PHE A 300 -5.12 -20.85 -44.83
N GLY A 301 -5.06 -20.71 -43.51
CA GLY A 301 -4.10 -19.82 -42.87
C GLY A 301 -3.96 -20.08 -41.38
N GLY A 302 -2.89 -19.54 -40.80
CA GLY A 302 -2.61 -19.85 -39.40
C GLY A 302 -1.38 -19.16 -38.86
N THR A 303 -1.01 -19.55 -37.65
CA THR A 303 0.00 -18.85 -36.85
C THR A 303 1.02 -19.83 -36.31
N ARG A 304 2.24 -19.33 -36.15
CA ARG A 304 3.36 -20.11 -35.66
C ARG A 304 3.17 -20.48 -34.19
N ARG A 305 3.18 -21.77 -33.89
CA ARG A 305 2.91 -22.21 -32.54
C ARG A 305 4.21 -22.60 -31.77
N GLU A 306 5.20 -23.13 -32.46
CA GLU A 306 6.52 -23.41 -31.89
C GLU A 306 7.53 -23.28 -33.02
N TYR A 307 8.70 -22.71 -32.74
CA TYR A 307 9.81 -22.86 -33.67
C TYR A 307 11.15 -23.08 -32.99
N ASN A 308 12.12 -23.58 -33.75
CA ASN A 308 13.44 -23.89 -33.23
C ASN A 308 14.48 -24.00 -34.38
N ALA A 309 15.31 -22.97 -34.51
CA ALA A 309 16.30 -22.86 -35.61
C ALA A 309 17.43 -23.91 -35.54
N ALA A 310 17.72 -24.39 -34.34
CA ALA A 310 18.81 -25.32 -34.13
C ALA A 310 18.31 -26.76 -34.18
N ASP A 311 17.02 -26.96 -34.42
CA ASP A 311 16.56 -28.32 -34.67
C ASP A 311 17.28 -28.95 -35.89
N THR A 312 17.75 -30.19 -35.73
CA THR A 312 18.50 -30.91 -36.78
C THR A 312 17.69 -32.06 -37.44
N SER A 313 16.50 -32.33 -36.91
CA SER A 313 15.57 -33.30 -37.48
C SER A 313 15.42 -33.12 -38.97
N THR A 314 15.16 -34.24 -39.63
CA THR A 314 15.03 -34.30 -41.09
C THR A 314 13.61 -34.77 -41.49
N ASP A 315 12.66 -34.71 -40.56
CA ASP A 315 11.28 -35.06 -40.90
C ASP A 315 10.34 -33.88 -40.62
N THR A 316 9.06 -34.07 -40.92
CA THR A 316 8.10 -33.00 -40.69
C THR A 316 7.14 -33.31 -39.52
N SER A 317 7.52 -34.25 -38.66
CA SER A 317 6.89 -34.43 -37.35
C SER A 317 6.76 -33.09 -36.62
N HIS A 318 5.63 -32.90 -35.93
CA HIS A 318 5.29 -31.61 -35.31
C HIS A 318 6.13 -31.36 -34.04
N LEU A 319 6.57 -30.11 -33.85
CA LEU A 319 7.07 -29.64 -32.56
C LEU A 319 5.96 -29.60 -31.52
N VAL A 320 6.29 -30.00 -30.30
CA VAL A 320 5.31 -30.07 -29.22
C VAL A 320 5.65 -29.06 -28.13
N PRO B 15 15.50 38.11 32.80
CA PRO B 15 14.54 39.05 33.35
C PRO B 15 13.18 38.36 33.67
N ILE B 16 13.21 37.44 34.63
CA ILE B 16 12.05 36.62 34.99
C ILE B 16 10.96 37.49 35.62
N PRO B 17 9.71 37.40 35.13
CA PRO B 17 8.74 38.38 35.58
C PRO B 17 8.08 37.92 36.86
N VAL B 18 7.12 38.72 37.33
CA VAL B 18 6.53 38.53 38.64
C VAL B 18 5.24 37.77 38.41
N LEU B 19 5.02 36.73 39.23
CA LEU B 19 3.77 35.98 39.21
C LEU B 19 2.72 36.68 40.02
N ARG B 20 1.60 36.94 39.38
CA ARG B 20 0.46 37.50 40.07
C ARG B 20 -0.46 36.41 40.56
N ALA B 21 -1.10 36.64 41.69
CA ALA B 21 -1.99 35.65 42.25
C ALA B 21 -3.13 35.49 41.31
N VAL B 22 -3.70 34.30 41.29
CA VAL B 22 -4.92 34.04 40.55
C VAL B 22 -6.08 34.73 41.20
N ASP B 23 -6.88 35.43 40.40
CA ASP B 23 -8.06 36.09 40.88
C ASP B 23 -9.27 35.13 40.95
N THR B 24 -9.48 34.57 42.12
CA THR B 24 -10.37 33.44 42.34
C THR B 24 -11.81 33.87 42.42
N THR B 25 -12.04 35.19 42.50
CA THR B 25 -13.41 35.67 42.56
C THR B 25 -14.12 35.24 41.28
N SER B 26 -13.36 35.25 40.17
CA SER B 26 -13.89 35.08 38.80
C SER B 26 -14.93 33.97 38.80
N PRO B 27 -16.02 34.16 38.06
CA PRO B 27 -16.98 33.04 37.95
C PRO B 27 -16.42 31.87 37.15
N ASN B 28 -15.38 32.12 36.35
CA ASN B 28 -14.66 31.08 35.63
C ASN B 28 -13.88 30.11 36.50
N ILE B 29 -13.42 30.56 37.65
CA ILE B 29 -12.75 29.68 38.58
C ILE B 29 -13.70 29.34 39.71
N VAL B 30 -14.02 28.06 39.81
CA VAL B 30 -15.05 27.61 40.70
C VAL B 30 -14.41 26.49 41.47
N ALA B 31 -14.45 26.59 42.79
CA ALA B 31 -13.80 25.63 43.67
C ALA B 31 -14.62 24.34 43.78
N ASP B 32 -13.91 23.23 43.92
CA ASP B 32 -14.51 21.93 43.79
C ASP B 32 -14.73 21.29 45.14
N THR B 33 -15.98 20.99 45.44
CA THR B 33 -16.36 20.36 46.72
C THR B 33 -16.69 18.88 46.60
N SER B 34 -16.57 18.28 45.41
CA SER B 34 -16.82 16.84 45.30
C SER B 34 -15.98 16.11 46.37
N THR B 35 -16.56 15.09 47.00
CA THR B 35 -15.78 14.13 47.78
C THR B 35 -14.62 13.50 47.00
N ASP B 36 -14.85 13.27 45.71
CA ASP B 36 -13.91 12.58 44.84
C ASP B 36 -12.72 13.47 44.43
N ARG B 37 -12.88 14.78 44.53
CA ARG B 37 -11.79 15.73 44.20
C ARG B 37 -11.05 16.23 45.43
N GLU B 38 -11.31 15.62 46.58
CA GLU B 38 -10.72 16.06 47.81
C GLU B 38 -9.22 15.89 47.76
N GLN B 39 -8.51 16.96 48.04
CA GLN B 39 -7.06 16.98 48.08
C GLN B 39 -6.48 16.84 49.53
N ARG B 40 -5.34 16.17 49.64
CA ARG B 40 -4.56 16.14 50.87
C ARG B 40 -3.19 16.72 50.62
N THR B 41 -2.72 17.50 51.59
CA THR B 41 -1.44 18.17 51.49
C THR B 41 -0.62 17.98 52.78
N PHE B 42 0.66 17.66 52.61
CA PHE B 42 1.67 17.74 53.66
C PHE B 42 2.48 19.02 53.45
N ALA B 43 2.61 19.83 54.50
CA ALA B 43 3.21 21.14 54.41
C ALA B 43 3.94 21.45 55.71
N THR B 44 5.17 21.93 55.62
CA THR B 44 5.94 22.18 56.83
C THR B 44 5.38 23.36 57.63
N GLN B 45 4.85 24.37 56.94
CA GLN B 45 4.40 25.57 57.63
C GLN B 45 3.15 26.10 56.93
N GLY B 46 2.14 25.25 56.78
CA GLY B 46 0.90 25.61 56.05
C GLY B 46 1.00 25.83 54.51
N GLY B 47 -0.13 26.13 53.89
CA GLY B 47 -0.27 26.04 52.44
C GLY B 47 -0.98 24.73 52.09
N SER B 48 -1.79 24.73 51.04
CA SER B 48 -2.37 23.48 50.53
C SER B 48 -2.67 23.56 49.03
N VAL B 49 -2.72 22.40 48.40
CA VAL B 49 -3.21 22.29 47.04
C VAL B 49 -4.71 22.08 47.07
N LYS B 50 -5.38 22.76 46.15
CA LYS B 50 -6.80 22.94 46.23
C LYS B 50 -7.43 22.74 44.86
N PRO B 51 -8.53 21.98 44.83
CA PRO B 51 -9.14 21.54 43.59
C PRO B 51 -10.09 22.63 43.04
N PHE B 52 -10.01 22.89 41.73
CA PHE B 52 -10.95 23.78 41.05
C PHE B 52 -11.48 23.15 39.77
N THR B 53 -12.62 23.65 39.29
CA THR B 53 -12.99 23.59 37.87
C THR B 53 -12.79 24.94 37.19
N ILE B 54 -12.04 24.95 36.09
CA ILE B 54 -11.58 26.20 35.49
C ILE B 54 -11.97 26.28 34.02
N THR B 55 -12.53 27.42 33.63
CA THR B 55 -13.02 27.63 32.27
C THR B 55 -12.17 28.68 31.60
N LYS B 56 -11.44 28.26 30.58
CA LYS B 56 -10.44 29.10 29.93
C LYS B 56 -10.75 29.11 28.43
N PRO B 57 -10.39 30.21 27.74
CA PRO B 57 -10.55 30.18 26.30
C PRO B 57 -9.48 29.30 25.67
N SER B 58 -9.83 28.62 24.57
CA SER B 58 -8.83 27.92 23.75
C SER B 58 -8.00 28.91 22.90
N PRO B 59 -6.67 28.86 23.05
CA PRO B 59 -5.77 29.58 22.13
C PRO B 59 -5.74 29.05 20.69
N TYR B 60 -6.48 27.97 20.41
CA TYR B 60 -6.39 27.27 19.13
C TYR B 60 -7.66 27.34 18.30
N ILE B 61 -8.80 27.49 18.94
CA ILE B 61 -10.05 27.83 18.24
C ILE B 61 -10.67 29.04 18.90
N PRO B 62 -10.86 30.15 18.13
CA PRO B 62 -11.43 31.36 18.72
C PRO B 62 -12.89 31.18 19.15
N GLY B 63 -13.25 31.85 20.25
CA GLY B 63 -14.58 31.72 20.83
C GLY B 63 -14.93 30.34 21.36
N LEU B 64 -13.91 29.51 21.58
CA LEU B 64 -14.13 28.25 22.25
C LEU B 64 -13.65 28.34 23.70
N MET B 65 -14.56 28.00 24.62
CA MET B 65 -14.28 28.00 26.06
C MET B 65 -14.23 26.57 26.57
N LEU B 66 -13.15 26.24 27.27
CA LEU B 66 -12.93 24.87 27.74
C LEU B 66 -12.99 24.88 29.24
N THR B 67 -13.74 23.94 29.78
CA THR B 67 -13.88 23.82 31.22
C THR B 67 -13.26 22.49 31.68
N ASN B 68 -12.21 22.57 32.50
CA ASN B 68 -11.49 21.39 33.00
C ASN B 68 -11.21 21.41 34.49
N GLN B 69 -11.28 20.24 35.11
CA GLN B 69 -10.85 20.02 36.48
C GLN B 69 -9.35 20.23 36.62
N GLU B 70 -8.94 21.05 37.58
CA GLU B 70 -7.55 21.40 37.78
C GLU B 70 -7.25 21.64 39.24
N ILE B 71 -5.99 21.97 39.54
CA ILE B 71 -5.48 22.19 40.92
C ILE B 71 -4.77 23.57 40.99
N LEU B 72 -5.01 24.36 42.06
CA LEU B 72 -4.17 25.52 42.40
C LEU B 72 -3.44 25.37 43.75
N TYR B 73 -2.35 26.10 43.93
CA TYR B 73 -1.68 26.18 45.21
C TYR B 73 -2.12 27.39 46.04
N GLN B 74 -2.77 27.15 47.18
CA GLN B 74 -3.01 28.21 48.16
C GLN B 74 -1.86 28.43 49.16
N ALA B 75 -1.23 29.60 49.10
CA ALA B 75 -0.06 29.90 49.92
C ALA B 75 -0.53 30.20 51.34
N PRO B 76 0.41 30.32 52.29
CA PRO B 76 0.01 30.59 53.69
C PRO B 76 -0.63 31.98 53.86
N ASP B 77 -0.28 32.95 53.02
CA ASP B 77 -0.88 34.28 53.10
C ASP B 77 -2.30 34.28 52.52
N GLY B 78 -2.79 33.12 52.10
CA GLY B 78 -4.18 32.96 51.69
C GLY B 78 -4.36 33.01 50.17
N LYS B 79 -3.33 33.48 49.46
CA LYS B 79 -3.40 33.70 48.00
C LYS B 79 -3.14 32.42 47.16
N TYR B 80 -3.67 32.43 45.94
CA TYR B 80 -3.66 31.28 45.09
C TYR B 80 -2.77 31.52 43.89
N TYR B 81 -2.09 30.45 43.48
CA TYR B 81 -1.08 30.51 42.43
C TYR B 81 -1.22 29.30 41.53
N ASP B 82 -0.99 29.53 40.24
CA ASP B 82 -1.07 28.47 39.26
C ASP B 82 0.33 28.03 38.91
N PHE B 83 0.41 27.01 38.09
CA PHE B 83 1.70 26.44 37.72
C PHE B 83 1.99 26.76 36.28
N GLY B 84 3.12 27.40 36.03
CA GLY B 84 3.44 27.89 34.68
C GLY B 84 4.91 27.74 34.45
N THR B 85 5.43 28.34 33.39
CA THR B 85 6.79 28.04 32.95
C THR B 85 7.78 28.48 33.95
N TYR B 86 7.51 29.62 34.57
CA TYR B 86 8.50 30.29 35.37
C TYR B 86 8.54 29.81 36.82
N ASN B 87 7.45 29.22 37.33
CA ASN B 87 7.47 28.70 38.70
C ASN B 87 7.61 27.19 38.81
N THR B 88 8.26 26.57 37.84
CA THR B 88 8.43 25.13 37.81
C THR B 88 9.87 24.81 37.51
N LEU B 89 10.26 23.60 37.80
CA LEU B 89 11.66 23.27 37.77
C LEU B 89 12.14 23.35 36.32
N ILE B 90 13.25 24.06 36.10
CA ILE B 90 13.89 24.05 34.80
C ILE B 90 13.83 22.64 34.21
N MET B 91 13.26 22.49 33.02
CA MET B 91 13.29 21.18 32.37
C MET B 91 14.68 20.82 31.83
N PRO B 92 14.95 19.52 31.70
CA PRO B 92 16.24 19.11 31.14
C PRO B 92 16.35 19.43 29.63
N SER B 93 17.57 19.52 29.11
CA SER B 93 17.76 19.72 27.68
C SER B 93 17.42 18.44 26.89
N SER B 94 16.71 18.59 25.76
CA SER B 94 16.21 17.43 25.02
C SER B 94 17.17 17.03 23.91
N SER B 95 18.35 17.67 23.88
CA SER B 95 19.30 17.53 22.79
C SER B 95 19.75 16.10 22.55
N THR B 96 20.17 15.41 23.61
CA THR B 96 20.88 14.13 23.44
C THR B 96 20.10 12.91 23.99
N SER B 97 20.85 11.82 24.09
CA SER B 97 20.51 10.59 24.83
C SER B 97 20.11 10.84 26.30
N ALA B 98 20.89 11.71 26.95
CA ALA B 98 20.83 11.92 28.40
C ALA B 98 19.74 12.90 28.73
N ARG B 99 19.27 12.85 29.97
CA ARG B 99 18.55 13.97 30.58
C ARG B 99 19.08 14.27 31.98
N VAL B 100 19.64 15.45 32.17
CA VAL B 100 20.12 15.87 33.48
C VAL B 100 19.26 16.99 34.03
N LEU B 101 18.67 16.74 35.21
CA LEU B 101 17.93 17.78 35.93
C LEU B 101 18.93 18.74 36.59
N PRO B 102 18.87 20.02 36.27
CA PRO B 102 19.77 20.92 36.96
C PRO B 102 19.48 20.86 38.44
N ASN B 103 20.54 20.97 39.25
CA ASN B 103 20.43 20.89 40.72
C ASN B 103 20.05 22.20 41.43
N SER B 104 19.97 23.29 40.68
CA SER B 104 19.62 24.60 41.25
C SER B 104 18.67 25.31 40.32
N HIS B 105 17.62 25.89 40.88
CA HIS B 105 16.56 26.50 40.07
C HIS B 105 16.17 27.82 40.69
N PRO B 106 15.95 28.86 39.86
CA PRO B 106 15.36 30.09 40.43
C PRO B 106 13.90 29.93 40.84
N MET B 107 13.52 30.54 41.94
CA MET B 107 12.11 30.62 42.31
C MET B 107 11.52 31.87 41.71
N GLN B 108 10.22 31.86 41.51
CA GLN B 108 9.59 32.95 40.83
C GLN B 108 9.09 33.93 41.88
N PRO B 109 9.54 35.19 41.77
CA PRO B 109 9.01 36.22 42.66
C PRO B 109 7.52 36.38 42.44
N LEU B 110 6.79 36.51 43.54
CA LEU B 110 5.36 36.74 43.56
C LEU B 110 5.03 38.22 43.79
N ASP B 111 3.76 38.57 43.54
CA ASP B 111 3.18 39.89 43.84
C ASP B 111 3.37 40.27 45.31
N SER B 112 3.23 39.27 46.18
CA SER B 112 3.22 39.48 47.63
C SER B 112 4.58 39.83 48.23
N GLY B 113 5.64 39.81 47.45
CA GLY B 113 7.00 39.83 47.99
C GLY B 113 7.66 38.44 48.02
N GLY B 114 6.82 37.40 48.03
CA GLY B 114 7.24 36.02 48.27
C GLY B 114 7.92 35.43 47.06
N LYS B 115 8.25 34.15 47.15
CA LYS B 115 8.77 33.40 46.01
C LYS B 115 8.17 31.99 45.97
N MET B 116 8.09 31.42 44.76
CA MET B 116 7.50 30.10 44.57
C MET B 116 8.30 29.21 43.63
N ILE B 117 8.34 27.91 43.96
CA ILE B 117 8.71 26.87 43.02
C ILE B 117 7.76 25.68 43.18
N ALA B 118 7.54 25.01 42.05
CA ALA B 118 6.73 23.79 41.98
C ALA B 118 7.34 22.85 40.96
N CYS B 119 6.87 21.61 41.00
CA CYS B 119 7.54 20.57 40.31
C CYS B 119 7.38 20.73 38.81
N CYS B 120 6.13 20.73 38.33
CA CYS B 120 5.83 20.64 36.89
C CYS B 120 4.54 21.38 36.50
N THR B 121 4.39 21.71 35.22
CA THR B 121 3.10 22.12 34.67
C THR B 121 2.38 20.85 34.21
N ASN B 122 1.23 20.97 33.56
CA ASN B 122 0.62 19.83 32.83
C ASN B 122 1.08 19.61 31.34
N GLN B 123 2.00 20.44 30.86
CA GLN B 123 2.59 20.35 29.51
C GLN B 123 3.41 19.06 29.31
N THR B 124 3.37 18.49 28.10
CA THR B 124 4.04 17.23 27.82
C THR B 124 5.57 17.36 27.92
N SER B 125 6.21 16.23 28.26
CA SER B 125 7.65 16.14 28.17
C SER B 125 8.05 14.69 28.00
N THR B 126 9.36 14.46 27.85
CA THR B 126 9.87 13.09 27.74
C THR B 126 11.11 12.92 28.57
N GLY B 127 11.27 11.71 29.08
CA GLY B 127 12.57 11.16 29.43
C GLY B 127 12.73 10.99 30.94
N MET B 128 12.03 11.83 31.71
CA MET B 128 12.21 11.87 33.18
C MET B 128 10.86 11.77 33.86
N ASN B 129 10.58 10.57 34.36
CA ASN B 129 9.24 10.19 34.85
C ASN B 129 8.75 10.99 36.06
N ALA B 130 9.68 11.34 36.94
CA ALA B 130 9.30 11.94 38.19
C ALA B 130 8.85 13.39 37.98
N LEU B 131 9.11 13.97 36.80
CA LEU B 131 8.54 15.25 36.48
C LEU B 131 7.16 15.18 35.84
N ARG B 132 6.63 13.99 35.56
CA ARG B 132 5.35 13.91 34.83
C ARG B 132 4.23 13.62 35.80
N LEU B 133 4.05 14.46 36.81
CA LEU B 133 3.06 14.15 37.80
C LEU B 133 1.68 14.57 37.30
N LYS B 134 0.68 13.72 37.54
CA LYS B 134 -0.65 13.95 37.07
C LYS B 134 -1.65 14.14 38.17
N SER B 135 -1.36 13.67 39.40
CA SER B 135 -2.32 13.66 40.52
C SER B 135 -1.81 14.33 41.81
N MET B 136 -0.72 15.07 41.70
CA MET B 136 -0.12 15.74 42.84
C MET B 136 0.85 16.80 42.40
N GLN B 137 1.24 17.65 43.34
CA GLN B 137 2.28 18.66 43.13
C GLN B 137 3.14 18.67 44.37
N PHE B 138 4.39 19.06 44.19
CA PHE B 138 5.17 19.49 45.33
C PHE B 138 6.01 20.71 45.01
N GLY B 139 6.57 21.31 46.06
CA GLY B 139 7.40 22.47 45.88
C GLY B 139 7.61 23.22 47.17
N ALA B 140 7.82 24.53 47.04
CA ALA B 140 8.01 25.39 48.20
C ALA B 140 7.46 26.75 47.94
N TRP B 141 6.89 27.33 48.98
CA TRP B 141 6.62 28.77 49.04
C TRP B 141 7.55 29.44 50.04
N MET B 142 8.18 30.55 49.62
CA MET B 142 8.93 31.46 50.53
C MET B 142 8.14 32.74 50.77
N SER B 143 8.04 33.15 52.04
CA SER B 143 7.38 34.40 52.43
C SER B 143 8.22 35.62 52.04
N PRO B 144 7.61 36.83 52.13
CA PRO B 144 8.43 38.08 51.95
C PRO B 144 9.56 38.19 52.99
N SER B 145 9.30 37.66 54.19
CA SER B 145 10.28 37.59 55.27
C SER B 145 11.25 36.40 55.18
N LYS B 146 11.25 35.68 54.07
CA LYS B 146 12.27 34.64 53.79
C LYS B 146 12.13 33.33 54.60
N THR B 147 11.05 33.19 55.36
CA THR B 147 10.63 31.88 55.86
C THR B 147 10.01 31.01 54.72
N VAL B 148 10.17 29.69 54.81
CA VAL B 148 9.84 28.75 53.72
C VAL B 148 8.85 27.69 54.22
N SER B 149 7.72 27.53 53.51
CA SER B 149 6.84 26.33 53.73
C SER B 149 6.89 25.33 52.58
N LEU B 150 7.55 24.19 52.79
CA LEU B 150 7.65 23.18 51.74
C LEU B 150 6.44 22.30 51.77
N PHE B 151 5.99 21.86 50.59
CA PHE B 151 4.69 21.16 50.48
C PHE B 151 4.67 20.04 49.48
N ALA B 152 3.74 19.14 49.72
CA ALA B 152 3.42 18.05 48.79
C ALA B 152 1.99 17.61 48.96
N GLY B 153 1.21 17.69 47.89
CA GLY B 153 -0.23 17.43 48.01
C GLY B 153 -0.88 17.00 46.73
N GLY B 154 -2.06 16.42 46.84
CA GLY B 154 -2.71 15.79 45.70
C GLY B 154 -3.92 14.93 46.02
N THR B 155 -4.34 14.17 45.02
CA THR B 155 -5.40 13.22 45.14
C THR B 155 -4.87 11.99 45.89
N PRO B 156 -5.37 11.78 47.13
CA PRO B 156 -4.87 10.58 47.83
C PRO B 156 -5.32 9.31 47.14
N ALA B 157 -4.46 8.29 47.22
CA ALA B 157 -4.74 6.96 46.67
C ALA B 157 -5.79 6.22 47.48
N PRO B 158 -7.00 6.05 46.95
CA PRO B 158 -8.00 5.33 47.75
C PRO B 158 -7.53 3.96 48.17
N THR B 159 -7.80 3.62 49.41
CA THR B 159 -7.28 2.39 50.05
C THR B 159 -8.01 1.15 49.54
N ASP B 160 -9.27 1.34 49.12
CA ASP B 160 -10.07 0.35 48.36
C ASP B 160 -9.35 -0.36 47.18
N THR B 161 -8.47 0.37 46.50
CA THR B 161 -7.85 -0.10 45.27
C THR B 161 -6.35 -0.06 45.35
N LEU B 162 -5.80 -0.10 46.56
CA LEU B 162 -4.34 -0.24 46.69
C LEU B 162 -3.92 -1.61 46.23
N GLN B 163 -2.63 -1.75 45.99
CA GLN B 163 -2.13 -2.93 45.34
C GLN B 163 -2.31 -4.09 46.27
N GLY B 164 -2.84 -5.20 45.74
CA GLY B 164 -3.06 -6.42 46.51
C GLY B 164 -4.48 -6.55 47.03
N VAL B 165 -5.25 -5.46 47.04
CA VAL B 165 -6.55 -5.44 47.71
C VAL B 165 -7.64 -6.24 46.99
N ASP B 166 -7.65 -6.22 45.66
CA ASP B 166 -8.56 -7.10 44.93
C ASP B 166 -8.30 -8.56 45.31
N THR B 167 -7.02 -8.96 45.22
CA THR B 167 -6.57 -10.36 45.38
C THR B 167 -6.78 -10.81 46.84
N ALA B 168 -6.34 -9.97 47.80
CA ALA B 168 -6.16 -10.36 49.24
C ALA B 168 -7.02 -9.56 50.24
N GLY B 169 -7.86 -8.63 49.78
CA GLY B 169 -8.68 -7.78 50.68
C GLY B 169 -7.93 -6.82 51.61
N ARG B 170 -6.60 -6.79 51.51
CA ARG B 170 -5.73 -5.85 52.19
C ARG B 170 -4.50 -5.59 51.27
N PRO B 171 -3.80 -4.46 51.45
CA PRO B 171 -2.60 -4.26 50.64
C PRO B 171 -1.52 -5.31 50.84
N THR B 172 -0.87 -5.70 49.76
CA THR B 172 0.21 -6.64 49.81
C THR B 172 1.31 -6.24 48.81
N GLY B 173 2.50 -6.80 49.00
CA GLY B 173 3.54 -6.76 48.01
C GLY B 173 4.46 -5.58 48.24
N LYS B 174 5.20 -5.21 47.21
CA LYS B 174 6.14 -4.09 47.25
C LYS B 174 5.94 -3.17 46.07
N ALA B 175 6.36 -1.92 46.21
CA ALA B 175 6.37 -0.98 45.07
C ALA B 175 7.56 -0.09 45.21
N THR B 176 8.12 0.32 44.08
CA THR B 176 9.29 1.17 44.06
C THR B 176 9.03 2.43 43.25
N TYR B 177 9.34 3.59 43.85
CA TYR B 177 9.06 4.87 43.26
C TYR B 177 10.37 5.59 43.00
N GLU B 178 10.39 6.40 41.95
CA GLU B 178 11.49 7.33 41.70
C GLU B 178 11.04 8.75 41.99
N VAL B 179 11.84 9.47 42.74
CA VAL B 179 11.41 10.73 43.30
C VAL B 179 12.47 11.78 43.19
N ILE B 180 11.99 12.99 43.33
CA ILE B 180 12.86 14.12 43.44
C ILE B 180 12.56 14.78 44.75
N GLY B 181 13.63 15.09 45.48
CA GLY B 181 13.58 15.95 46.66
C GLY B 181 13.97 17.37 46.32
N LEU B 182 13.46 18.29 47.14
CA LEU B 182 13.60 19.72 46.91
C LEU B 182 13.84 20.42 48.25
N ARG B 183 14.91 21.21 48.31
CA ARG B 183 15.09 22.14 49.42
C ARG B 183 15.18 23.56 48.86
N VAL B 184 15.18 24.52 49.77
CA VAL B 184 15.54 25.90 49.45
C VAL B 184 16.85 26.30 50.13
N LYS B 185 17.79 26.84 49.37
CA LYS B 185 19.08 27.36 49.89
C LYS B 185 19.42 28.65 49.18
N ASN B 186 19.37 29.78 49.90
CA ASN B 186 19.84 31.08 49.41
C ASN B 186 18.95 31.65 48.32
N ASP B 187 17.65 31.61 48.57
CA ASP B 187 16.67 32.00 47.55
C ASP B 187 16.78 31.18 46.24
N ARG B 188 17.24 29.94 46.33
CA ARG B 188 17.09 29.04 45.21
C ARG B 188 16.49 27.71 45.65
N ALA B 189 15.67 27.13 44.79
CA ALA B 189 15.28 25.73 44.95
C ALA B 189 16.45 24.84 44.56
N VAL B 190 16.73 23.86 45.42
CA VAL B 190 17.76 22.87 45.11
C VAL B 190 17.17 21.44 45.14
N THR B 191 17.66 20.60 44.21
CA THR B 191 17.05 19.33 43.95
C THR B 191 18.02 18.15 44.02
N SER B 192 17.46 17.01 44.36
CA SER B 192 18.23 15.79 44.44
C SER B 192 18.73 15.40 43.07
N SER B 193 19.79 14.60 43.04
CA SER B 193 20.47 14.28 41.80
C SER B 193 19.56 13.36 40.95
N TYR B 194 19.37 13.75 39.69
CA TYR B 194 18.44 13.06 38.83
C TYR B 194 18.96 13.08 37.40
N GLU B 195 19.20 11.90 36.85
CA GLU B 195 19.50 11.79 35.43
C GLU B 195 19.06 10.46 34.78
N THR B 196 18.57 10.57 33.55
CA THR B 196 18.08 9.43 32.78
C THR B 196 18.84 9.24 31.48
N ARG B 197 18.68 8.01 30.97
CA ARG B 197 19.23 7.55 29.70
C ARG B 197 18.17 7.79 28.62
N VAL B 206 17.81 5.52 33.35
CA VAL B 206 17.83 5.99 34.74
C VAL B 206 19.08 5.72 35.55
N VAL B 207 20.00 6.67 35.57
CA VAL B 207 21.36 6.37 35.95
C VAL B 207 21.62 6.87 37.37
N THR B 208 21.09 8.05 37.70
CA THR B 208 21.16 8.61 39.04
C THR B 208 19.81 9.18 39.45
N GLY B 209 19.32 8.75 40.60
CA GLY B 209 18.04 9.18 41.07
C GLY B 209 17.86 8.75 42.49
N SER B 210 16.63 8.87 42.95
CA SER B 210 16.30 8.58 44.31
C SER B 210 15.14 7.68 44.31
N PHE B 211 15.25 6.63 45.10
CA PHE B 211 14.32 5.54 45.03
C PHE B 211 13.79 5.29 46.42
N LEU B 212 12.48 5.20 46.53
CA LEU B 212 11.85 4.90 47.79
C LEU B 212 11.00 3.69 47.54
N THR B 213 10.99 2.74 48.46
CA THR B 213 10.27 1.49 48.25
C THR B 213 9.34 1.31 49.42
N VAL B 214 8.08 1.04 49.13
CA VAL B 214 7.08 0.74 50.13
C VAL B 214 6.90 -0.76 50.22
N ASN B 215 6.95 -1.33 51.42
CA ASN B 215 6.63 -2.74 51.59
C ASN B 215 5.31 -2.84 52.31
N PHE B 216 4.31 -3.36 51.62
CA PHE B 216 2.98 -3.39 52.17
C PHE B 216 2.80 -4.66 53.04
N ASN B 217 3.75 -5.58 53.00
CA ASN B 217 3.70 -6.77 53.89
C ASN B 217 4.08 -6.33 55.29
N THR B 218 5.17 -5.59 55.38
CA THR B 218 5.68 -5.13 56.65
C THR B 218 5.18 -3.75 57.09
N GLY B 219 4.63 -2.98 56.15
CA GLY B 219 4.21 -1.63 56.44
C GLY B 219 5.36 -0.69 56.62
N LYS B 220 6.38 -0.79 55.78
CA LYS B 220 7.60 0.03 55.93
C LYS B 220 7.97 0.76 54.64
N LEU B 221 8.71 1.83 54.79
CA LEU B 221 9.22 2.54 53.65
C LEU B 221 10.72 2.82 53.78
N GLY B 222 11.47 2.50 52.75
CA GLY B 222 12.94 2.64 52.82
C GLY B 222 13.44 3.36 51.60
N GLY B 223 14.65 3.92 51.70
CA GLY B 223 15.29 4.53 50.53
C GLY B 223 16.02 5.80 50.82
N THR B 224 16.62 6.36 49.79
CA THR B 224 17.45 7.52 49.99
C THR B 224 17.17 8.58 48.95
N ILE B 225 16.98 9.80 49.40
CA ILE B 225 17.01 10.96 48.51
C ILE B 225 18.43 11.52 48.30
N VAL B 226 18.96 11.34 47.10
CA VAL B 226 20.39 11.41 46.89
C VAL B 226 20.81 12.86 46.72
N GLY B 227 21.63 13.35 47.64
CA GLY B 227 22.05 14.74 47.64
C GLY B 227 23.16 15.01 46.64
N ASN B 228 23.75 16.19 46.72
CA ASN B 228 24.77 16.69 45.77
C ASN B 228 25.26 18.04 46.22
N SER B 229 26.23 18.59 45.50
CA SER B 229 26.79 19.90 45.84
C SER B 229 25.75 20.94 46.22
N GLU B 230 24.59 20.90 45.62
CA GLU B 230 23.63 22.01 45.76
C GLU B 230 22.56 21.67 46.78
N PHE B 231 22.06 20.44 46.74
CA PHE B 231 20.98 19.98 47.61
C PHE B 231 21.43 19.86 49.07
N GLY B 232 22.72 19.57 49.26
CA GLY B 232 23.25 19.25 50.57
C GLY B 232 23.35 17.76 50.71
N ASP B 233 23.29 17.28 51.94
CA ASP B 233 23.38 15.85 52.20
C ASP B 233 22.13 15.15 51.76
N SER B 234 22.34 13.89 51.44
CA SER B 234 21.31 12.95 51.26
C SER B 234 20.42 12.88 52.48
N ILE B 235 19.16 12.54 52.24
CA ILE B 235 18.19 12.23 53.29
C ILE B 235 17.93 10.76 53.22
N GLU B 236 18.24 10.06 54.30
CA GLU B 236 18.11 8.62 54.32
C GLU B 236 16.94 8.19 55.20
N MET B 237 16.08 7.35 54.66
CA MET B 237 14.89 6.97 55.39
C MET B 237 15.30 5.92 56.40
N ARG B 238 15.01 6.19 57.68
CA ARG B 238 15.36 5.29 58.75
C ARG B 238 14.22 4.41 59.20
N ASP B 239 13.27 4.91 59.98
CA ASP B 239 12.20 4.02 60.38
C ASP B 239 10.85 4.62 60.05
N VAL B 240 10.26 4.17 58.93
CA VAL B 240 9.08 4.84 58.37
C VAL B 240 7.96 3.85 58.20
N ASN B 241 6.80 4.10 58.82
CA ASN B 241 5.68 3.14 58.82
C ASN B 241 4.52 3.56 57.93
N VAL B 242 3.92 2.58 57.28
CA VAL B 242 2.94 2.84 56.24
C VAL B 242 1.62 2.24 56.65
N ASN B 243 0.57 3.03 56.53
CA ASN B 243 -0.76 2.68 57.01
C ASN B 243 -1.80 3.22 56.08
N GLY B 244 -2.55 2.32 55.46
CA GLY B 244 -3.31 2.67 54.27
C GLY B 244 -2.49 3.45 53.26
N ASN B 245 -2.85 4.70 53.02
CA ASN B 245 -2.20 5.57 52.04
C ASN B 245 -1.41 6.70 52.66
N GLN B 246 -1.17 6.60 53.98
CA GLN B 246 -0.25 7.49 54.69
C GLN B 246 1.01 6.79 55.17
N PHE B 247 2.11 7.54 55.20
CA PHE B 247 3.26 7.14 55.98
C PHE B 247 3.85 8.25 56.84
N SER B 248 4.62 7.82 57.83
CA SER B 248 5.37 8.71 58.73
C SER B 248 6.42 7.98 59.54
N GLY B 249 7.40 8.74 59.98
CA GLY B 249 8.48 8.18 60.77
C GLY B 249 9.73 9.00 60.63
N THR B 250 10.91 8.38 60.68
CA THR B 250 12.16 9.12 60.87
C THR B 250 13.03 9.00 59.66
N ALA B 251 13.71 10.10 59.36
CA ALA B 251 14.83 10.12 58.43
C ALA B 251 16.05 10.76 59.05
N SER B 252 17.20 10.58 58.41
CA SER B 252 18.39 11.34 58.83
C SER B 252 19.08 11.98 57.67
N SER B 253 19.78 13.06 57.95
CA SER B 253 20.55 13.76 56.94
C SER B 253 21.71 14.46 57.62
N GLY B 254 22.92 14.00 57.35
CA GLY B 254 24.14 14.54 57.96
C GLY B 254 24.13 14.54 59.48
N GLY B 255 23.69 13.42 60.06
CA GLY B 255 23.53 13.29 61.51
C GLY B 255 22.51 14.20 62.21
N HIS B 256 21.57 14.79 61.48
CA HIS B 256 20.32 15.21 62.09
C HIS B 256 19.20 14.23 61.82
N THR B 257 18.24 14.20 62.73
CA THR B 257 17.03 13.44 62.56
C THR B 257 15.90 14.34 62.11
N GLY B 258 15.22 13.95 61.04
CA GLY B 258 13.98 14.62 60.61
C GLY B 258 12.75 13.74 60.72
N GLN B 259 11.60 14.40 60.83
CA GLN B 259 10.30 13.75 60.72
C GLN B 259 9.80 13.66 59.26
N VAL B 260 9.43 12.45 58.88
CA VAL B 260 8.85 12.19 57.58
C VAL B 260 7.33 12.09 57.67
N SER B 261 6.63 12.85 56.83
CA SER B 261 5.19 12.66 56.63
C SER B 261 4.82 12.66 55.18
N GLY B 262 3.99 11.71 54.82
CA GLY B 262 3.63 11.54 53.44
C GLY B 262 2.51 10.56 53.19
N GLY B 263 2.34 10.30 51.90
CA GLY B 263 1.20 9.63 51.40
C GLY B 263 1.42 9.15 50.00
N LEU B 264 0.59 8.18 49.66
CA LEU B 264 0.45 7.71 48.32
C LEU B 264 -0.68 8.47 47.66
N PHE B 265 -0.52 8.66 46.35
CA PHE B 265 -1.38 9.49 45.57
C PHE B 265 -1.75 8.80 44.29
N ALA B 266 -2.81 9.34 43.71
CA ALA B 266 -3.40 8.92 42.43
C ALA B 266 -4.39 7.76 42.56
N LYS B 267 -5.56 7.98 41.97
CA LYS B 267 -6.54 6.93 41.82
C LYS B 267 -6.01 5.77 41.03
N GLU B 268 -6.70 4.65 41.13
CA GLU B 268 -6.39 3.46 40.34
C GLU B 268 -6.68 3.73 38.85
N GLU B 269 -5.98 3.03 37.97
CA GLU B 269 -6.25 3.19 36.52
C GLU B 269 -7.08 2.04 36.02
N ARG B 270 -8.07 2.37 35.19
CA ARG B 270 -8.94 1.37 34.55
C ARG B 270 -8.84 1.44 33.02
N PHE B 271 -8.83 0.30 32.37
CA PHE B 271 -9.12 0.28 30.95
C PHE B 271 -10.46 0.99 30.68
N TYR B 272 -10.57 1.52 29.48
CA TYR B 272 -11.79 2.14 28.98
C TYR B 272 -12.99 1.19 29.03
N SER B 273 -12.70 -0.11 28.96
CA SER B 273 -13.73 -1.12 29.12
C SER B 273 -14.34 -1.01 30.50
N GLY B 274 -13.51 -0.71 31.50
CA GLY B 274 -13.93 -0.68 32.90
C GLY B 274 -13.14 -1.61 33.79
N THR B 275 -12.49 -2.61 33.21
CA THR B 275 -11.53 -3.44 33.92
C THR B 275 -10.38 -2.68 34.62
N LEU B 276 -9.93 -3.20 35.76
CA LEU B 276 -8.81 -2.63 36.48
C LEU B 276 -7.46 -2.87 35.81
N GLU B 277 -6.65 -1.83 35.69
CA GLU B 277 -5.35 -1.92 35.03
C GLU B 277 -4.17 -1.76 35.99
N HIS B 278 -4.15 -0.63 36.69
CA HIS B 278 -3.15 -0.39 37.72
C HIS B 278 -3.82 0.01 39.02
N PRO B 279 -3.24 -0.43 40.15
CA PRO B 279 -3.76 -0.09 41.45
C PRO B 279 -3.56 1.39 41.72
N SER B 280 -4.30 1.91 42.70
CA SER B 280 -4.08 3.25 43.23
C SER B 280 -2.67 3.41 43.78
N GLY B 281 -2.28 4.65 44.00
CA GLY B 281 -0.95 4.92 44.56
C GLY B 281 0.20 4.92 43.55
N GLY B 282 -0.07 5.30 42.30
CA GLY B 282 0.98 5.37 41.29
C GLY B 282 1.88 6.59 41.40
N GLU B 283 1.55 7.48 42.33
CA GLU B 283 2.40 8.63 42.67
C GLU B 283 2.59 8.71 44.19
N ILE B 284 3.63 9.41 44.63
CA ILE B 284 4.01 9.48 46.05
C ILE B 284 4.58 10.85 46.38
N GLY B 285 4.39 11.29 47.63
CA GLY B 285 4.99 12.51 48.06
C GLY B 285 4.91 12.79 49.54
N GLY B 286 5.65 13.80 49.97
CA GLY B 286 5.77 14.09 51.38
C GLY B 286 6.71 15.25 51.71
N THR B 287 6.92 15.43 53.00
CA THR B 287 7.88 16.37 53.51
C THR B 287 8.77 15.70 54.53
N VAL B 288 9.96 16.28 54.72
CA VAL B 288 10.84 15.90 55.82
C VAL B 288 11.18 17.13 56.61
N ASN B 289 10.90 17.07 57.91
CA ASN B 289 10.97 18.24 58.77
C ASN B 289 12.06 18.07 59.88
N PHE B 290 13.12 18.87 59.79
CA PHE B 290 14.25 18.75 60.71
C PHE B 290 14.17 19.75 61.84
N GLY B 291 13.08 20.53 61.91
CA GLY B 291 13.06 21.77 62.71
C GLY B 291 12.41 22.97 62.03
N SER B 292 11.56 23.65 62.79
CA SER B 292 11.01 24.94 62.40
C SER B 292 12.02 25.84 61.70
N ASN B 293 11.70 26.17 60.45
CA ASN B 293 12.56 26.97 59.58
C ASN B 293 13.94 26.45 59.30
N SER B 294 14.23 25.21 59.69
CA SER B 294 15.47 24.59 59.31
C SER B 294 15.57 24.58 57.78
N PRO B 295 16.73 25.00 57.23
CA PRO B 295 16.99 24.98 55.79
C PRO B 295 17.20 23.56 55.24
N LEU B 296 17.32 22.58 56.15
CA LEU B 296 17.38 21.18 55.77
C LEU B 296 16.04 20.63 55.33
N ASN B 297 14.95 21.32 55.67
CA ASN B 297 13.62 20.79 55.40
C ASN B 297 13.39 20.58 53.91
N ALA B 298 12.64 19.52 53.61
CA ALA B 298 12.46 19.07 52.24
C ALA B 298 10.99 18.72 51.92
N SER B 299 10.61 18.95 50.66
CA SER B 299 9.52 18.21 50.05
C SER B 299 10.08 17.23 49.01
N PHE B 300 9.27 16.23 48.69
CA PHE B 300 9.55 15.34 47.59
C PHE B 300 8.27 14.80 46.93
N GLY B 301 8.46 14.31 45.71
CA GLY B 301 7.42 13.61 45.02
C GLY B 301 7.94 12.77 43.90
N GLY B 302 7.10 11.88 43.40
CA GLY B 302 7.57 10.97 42.36
C GLY B 302 6.53 10.02 41.82
N THR B 303 6.99 9.07 41.01
CA THR B 303 6.11 8.15 40.27
C THR B 303 6.52 6.71 40.49
N ARG B 304 5.50 5.83 40.45
CA ARG B 304 5.69 4.39 40.61
C ARG B 304 6.42 3.77 39.41
N ARG B 305 7.55 3.16 39.66
CA ARG B 305 8.39 2.71 38.56
C ARG B 305 8.27 1.20 38.38
N GLU B 306 8.06 0.45 39.47
CA GLU B 306 7.79 -0.99 39.41
C GLU B 306 6.92 -1.33 40.62
N TYR B 307 5.95 -2.19 40.40
CA TYR B 307 5.28 -2.81 41.54
C TYR B 307 5.01 -4.29 41.37
N ASN B 308 4.74 -4.96 42.48
CA ASN B 308 4.44 -6.40 42.48
C ASN B 308 3.72 -6.81 43.74
N ALA B 309 2.42 -7.05 43.60
CA ALA B 309 1.54 -7.36 44.74
C ALA B 309 1.86 -8.72 45.41
N ALA B 310 2.41 -9.64 44.62
CA ALA B 310 2.62 -11.01 45.09
C ALA B 310 4.00 -11.17 45.65
N ASP B 311 4.78 -10.11 45.65
CA ASP B 311 6.07 -10.16 46.34
C ASP B 311 5.89 -10.47 47.86
N THR B 312 6.68 -11.40 48.37
CA THR B 312 6.56 -11.86 49.78
C THR B 312 7.73 -11.38 50.62
N SER B 313 8.71 -10.75 49.98
CA SER B 313 9.84 -10.12 50.68
C SER B 313 9.36 -9.30 51.90
N THR B 314 10.24 -9.22 52.90
CA THR B 314 9.99 -8.53 54.15
C THR B 314 11.02 -7.40 54.35
N ASP B 315 11.69 -6.96 53.29
CA ASP B 315 12.56 -5.80 53.39
C ASP B 315 12.15 -4.67 52.43
N THR B 316 12.87 -3.55 52.46
CA THR B 316 12.58 -2.43 51.59
C THR B 316 13.65 -2.22 50.49
N SER B 317 14.44 -3.24 50.23
CA SER B 317 15.24 -3.32 49.00
C SER B 317 14.40 -3.00 47.75
N HIS B 318 15.01 -2.29 46.80
CA HIS B 318 14.28 -1.76 45.63
C HIS B 318 13.99 -2.87 44.61
N LEU B 319 12.79 -2.83 44.03
CA LEU B 319 12.51 -3.61 42.80
C LEU B 319 13.33 -3.10 41.61
N VAL B 320 13.79 -4.03 40.78
CA VAL B 320 14.62 -3.68 39.63
C VAL B 320 14.04 -4.24 38.32
N VAL C 1 2.65 -13.85 0.56
CA VAL C 1 3.21 -15.21 0.63
C VAL C 1 2.85 -15.91 -0.64
N LEU C 2 3.85 -16.39 -1.38
CA LEU C 2 3.62 -17.11 -2.64
C LEU C 2 3.05 -18.52 -2.39
N SER C 3 2.01 -18.92 -3.12
CA SER C 3 1.64 -20.33 -3.19
C SER C 3 2.66 -21.18 -3.98
N PRO C 4 2.59 -22.52 -3.80
CA PRO C 4 3.38 -23.41 -4.64
C PRO C 4 3.07 -23.20 -6.13
N ALA C 5 1.77 -23.06 -6.45
CA ALA C 5 1.37 -22.73 -7.81
C ALA C 5 2.03 -21.44 -8.32
N ASP C 6 2.04 -20.41 -7.48
CA ASP C 6 2.62 -19.14 -7.82
C ASP C 6 4.09 -19.30 -8.23
N LYS C 7 4.82 -20.10 -7.47
CA LYS C 7 6.25 -20.30 -7.73
C LYS C 7 6.55 -20.95 -9.10
N THR C 8 5.83 -22.01 -9.41
CA THR C 8 6.01 -22.67 -10.71
C THR C 8 5.54 -21.73 -11.81
N ASN C 9 4.40 -21.05 -11.65
CA ASN C 9 3.97 -20.06 -12.65
C ASN C 9 5.06 -19.03 -12.94
N VAL C 10 5.78 -18.60 -11.92
CA VAL C 10 6.77 -17.56 -12.10
C VAL C 10 8.01 -18.12 -12.79
N LYS C 11 8.48 -19.24 -12.31
CA LYS C 11 9.53 -20.00 -12.98
C LYS C 11 9.25 -20.26 -14.46
N ALA C 12 8.03 -20.65 -14.78
CA ALA C 12 7.72 -20.99 -16.17
C ALA C 12 7.74 -19.75 -17.03
N ALA C 13 7.00 -18.73 -16.61
CA ALA C 13 6.97 -17.47 -17.38
C ALA C 13 8.33 -16.79 -17.50
N TRP C 14 9.04 -16.66 -16.41
CA TRP C 14 10.33 -16.00 -16.45
C TRP C 14 11.38 -16.84 -17.21
N GLY C 15 11.22 -18.18 -17.16
CA GLY C 15 12.04 -19.11 -17.93
C GLY C 15 11.93 -18.87 -19.42
N LYS C 16 10.73 -18.53 -19.85
CA LYS C 16 10.48 -18.15 -21.22
C LYS C 16 11.21 -16.89 -21.69
N VAL C 17 11.49 -15.99 -20.78
CA VAL C 17 12.22 -14.79 -21.11
C VAL C 17 13.62 -15.12 -21.62
N GLY C 18 14.27 -16.09 -21.00
CA GLY C 18 15.52 -16.59 -21.49
C GLY C 18 16.51 -15.46 -21.62
N ALA C 19 17.28 -15.46 -22.69
CA ALA C 19 18.36 -14.49 -22.89
C ALA C 19 17.91 -13.14 -23.45
N HIS C 20 16.59 -12.93 -23.57
CA HIS C 20 16.07 -11.60 -23.79
C HIS C 20 15.75 -10.82 -22.53
N ALA C 21 16.25 -11.29 -21.41
CA ALA C 21 15.82 -10.75 -20.14
C ALA C 21 16.31 -9.31 -20.02
N GLY C 22 17.54 -9.04 -20.44
CA GLY C 22 18.02 -7.66 -20.51
C GLY C 22 17.18 -6.69 -21.32
N GLU C 23 16.61 -7.19 -22.40
CA GLU C 23 15.70 -6.37 -23.21
C GLU C 23 14.40 -6.11 -22.47
N TYR C 24 13.91 -7.09 -21.73
CA TYR C 24 12.68 -6.88 -20.99
C TYR C 24 12.97 -5.90 -19.87
N GLY C 25 14.13 -6.11 -19.23
CA GLY C 25 14.60 -5.21 -18.20
C GLY C 25 14.65 -3.74 -18.63
N ALA C 26 15.34 -3.45 -19.74
CA ALA C 26 15.46 -2.10 -20.22
C ALA C 26 14.14 -1.49 -20.68
N GLU C 27 13.26 -2.32 -21.24
CA GLU C 27 11.98 -1.81 -21.74
C GLU C 27 11.07 -1.40 -20.56
N ALA C 28 11.09 -2.20 -19.48
CA ALA C 28 10.34 -1.87 -18.27
C ALA C 28 10.80 -0.54 -17.64
N LEU C 29 12.12 -0.32 -17.62
CA LEU C 29 12.70 0.95 -17.14
C LEU C 29 12.31 2.10 -18.02
N GLU C 30 12.37 1.91 -19.33
CA GLU C 30 11.96 2.98 -20.24
C GLU C 30 10.50 3.28 -20.03
N ARG C 31 9.70 2.24 -19.88
CA ARG C 31 8.25 2.43 -19.58
C ARG C 31 8.04 3.17 -18.27
N MET C 32 8.81 2.80 -17.25
CA MET C 32 8.74 3.52 -15.99
C MET C 32 9.07 4.99 -16.10
N PHE C 33 10.24 5.32 -16.67
CA PHE C 33 10.70 6.73 -16.78
C PHE C 33 9.78 7.62 -17.57
N LEU C 34 9.18 7.07 -18.62
CA LEU C 34 8.19 7.83 -19.40
C LEU C 34 6.85 7.95 -18.70
N SER C 35 6.31 6.84 -18.19
CA SER C 35 4.95 6.88 -17.62
C SER C 35 4.92 7.62 -16.28
N PHE C 36 6.02 7.53 -15.54
CA PHE C 36 6.09 8.05 -14.17
C PHE C 36 7.36 8.85 -13.97
N PRO C 37 7.36 10.12 -14.39
CA PRO C 37 8.71 10.73 -14.51
C PRO C 37 9.34 11.14 -13.20
N THR C 38 8.57 11.17 -12.11
CA THR C 38 9.19 11.30 -10.77
C THR C 38 10.23 10.20 -10.49
N THR C 39 10.11 9.05 -11.12
CA THR C 39 11.04 7.97 -10.83
C THR C 39 12.45 8.31 -11.32
N LYS C 40 12.55 9.27 -12.22
CA LYS C 40 13.85 9.65 -12.78
C LYS C 40 14.80 10.25 -11.74
N THR C 41 14.22 10.78 -10.69
CA THR C 41 14.97 11.47 -9.64
C THR C 41 16.03 10.60 -9.00
N TYR C 42 15.80 9.30 -9.02
CA TYR C 42 16.73 8.33 -8.47
C TYR C 42 17.93 8.09 -9.39
N PHE C 43 17.89 8.61 -10.62
CA PHE C 43 18.98 8.42 -11.56
C PHE C 43 19.55 9.75 -12.10
N PRO C 44 20.09 10.56 -11.20
CA PRO C 44 20.24 11.99 -11.51
C PRO C 44 21.26 12.28 -12.61
N HIS C 45 22.23 11.39 -12.80
CA HIS C 45 23.27 11.58 -13.84
C HIS C 45 23.35 10.42 -14.84
N PHE C 46 22.21 9.77 -15.06
CA PHE C 46 22.05 8.84 -16.16
C PHE C 46 21.67 9.63 -17.41
N ASP C 47 21.97 9.07 -18.57
CA ASP C 47 21.27 9.43 -19.81
C ASP C 47 20.06 8.56 -19.92
N LEU C 48 18.90 9.20 -19.88
CA LEU C 48 17.62 8.48 -19.84
C LEU C 48 16.80 8.63 -21.13
N SER C 49 17.45 9.14 -22.18
CA SER C 49 16.80 9.27 -23.51
C SER C 49 16.55 7.91 -24.14
N HIS C 50 15.68 7.88 -25.17
CA HIS C 50 15.19 6.64 -25.79
C HIS C 50 16.26 5.59 -26.08
N GLY C 51 17.43 5.98 -26.56
CA GLY C 51 18.42 4.99 -27.01
C GLY C 51 19.36 4.42 -25.96
N SER C 52 19.27 4.93 -24.74
CA SER C 52 20.44 5.08 -23.87
C SER C 52 21.07 3.72 -23.58
N ALA C 53 22.39 3.64 -23.71
CA ALA C 53 23.09 2.40 -23.42
C ALA C 53 23.07 2.16 -21.94
N GLN C 54 22.90 3.23 -21.21
CA GLN C 54 23.01 3.21 -19.76
C GLN C 54 21.75 2.55 -19.21
N VAL C 55 20.60 2.98 -19.72
CA VAL C 55 19.32 2.31 -19.45
C VAL C 55 19.39 0.81 -19.86
N LYS C 56 20.00 0.53 -21.01
CA LYS C 56 20.14 -0.87 -21.49
C LYS C 56 20.93 -1.68 -20.50
N GLY C 57 22.09 -1.15 -20.15
CA GLY C 57 22.99 -1.81 -19.20
C GLY C 57 22.28 -2.07 -17.88
N HIS C 58 21.58 -1.06 -17.41
CA HIS C 58 20.92 -1.16 -16.13
C HIS C 58 19.81 -2.21 -16.15
N GLY C 59 19.05 -2.21 -17.24
CA GLY C 59 17.98 -3.21 -17.45
C GLY C 59 18.42 -4.67 -17.35
N LYS C 60 19.57 -4.96 -17.89
CA LYS C 60 20.17 -6.31 -17.80
C LYS C 60 20.50 -6.67 -16.34
N LYS C 61 21.05 -5.71 -15.62
CA LYS C 61 21.29 -5.87 -14.16
C LYS C 61 20.02 -6.19 -13.40
N VAL C 62 18.97 -5.41 -13.66
CA VAL C 62 17.67 -5.66 -13.02
C VAL C 62 17.10 -7.03 -13.37
N ALA C 63 17.12 -7.34 -14.66
CA ALA C 63 16.60 -8.60 -15.16
C ALA C 63 17.37 -9.80 -14.61
N ASP C 64 18.68 -9.68 -14.53
CA ASP C 64 19.51 -10.74 -13.90
C ASP C 64 19.23 -10.89 -12.41
N ALA C 65 18.94 -9.80 -11.76
CA ALA C 65 18.65 -9.89 -10.35
C ALA C 65 17.35 -10.65 -10.17
N LEU C 66 16.41 -10.44 -11.06
CA LEU C 66 15.14 -11.13 -10.96
C LEU C 66 15.26 -12.62 -11.23
N THR C 67 16.02 -12.96 -12.24
CA THR C 67 16.39 -14.34 -12.48
C THR C 67 17.05 -14.99 -11.26
N ASN C 68 17.97 -14.28 -10.61
CA ASN C 68 18.47 -14.78 -9.33
C ASN C 68 17.34 -15.02 -8.28
N ALA C 69 16.43 -14.06 -8.14
CA ALA C 69 15.25 -14.20 -7.26
C ALA C 69 14.38 -15.43 -7.56
N VAL C 70 14.07 -15.56 -8.84
CA VAL C 70 13.31 -16.72 -9.28
C VAL C 70 14.00 -18.04 -8.93
N ALA C 71 15.29 -18.09 -9.14
CA ALA C 71 16.09 -19.25 -8.76
C ALA C 71 16.10 -19.49 -7.24
N HIS C 72 15.90 -18.46 -6.44
CA HIS C 72 15.95 -18.59 -4.98
C HIS C 72 14.62 -18.18 -4.38
N VAL C 73 13.54 -18.59 -5.02
CA VAL C 73 12.25 -18.02 -4.70
C VAL C 73 11.85 -18.39 -3.28
N ASP C 74 12.39 -19.47 -2.75
CA ASP C 74 12.03 -19.93 -1.37
C ASP C 74 12.71 -19.19 -0.22
N ASP C 75 13.79 -18.48 -0.51
CA ASP C 75 14.61 -17.79 0.50
C ASP C 75 15.17 -16.53 -0.13
N MET C 76 14.28 -15.61 -0.45
CA MET C 76 14.69 -14.38 -1.12
C MET C 76 15.37 -13.40 -0.18
N PRO C 77 14.89 -13.29 1.07
CA PRO C 77 15.65 -12.46 1.98
C PRO C 77 17.16 -12.71 1.97
N ASN C 78 17.62 -13.98 2.02
CA ASN C 78 19.09 -14.24 2.02
C ASN C 78 19.73 -14.02 0.67
N ALA C 79 19.05 -14.52 -0.35
CA ALA C 79 19.50 -14.34 -1.73
C ALA C 79 19.72 -12.88 -2.14
N LEU C 80 18.91 -11.96 -1.63
CA LEU C 80 18.87 -10.58 -2.14
C LEU C 80 19.37 -9.56 -1.13
N SER C 81 20.08 -10.02 -0.12
CA SER C 81 20.54 -9.13 0.93
C SER C 81 21.31 -7.94 0.45
N ALA C 82 22.20 -8.14 -0.51
CA ALA C 82 23.06 -7.04 -0.98
C ALA C 82 22.24 -5.96 -1.70
N LEU C 83 21.12 -6.38 -2.28
CA LEU C 83 20.27 -5.46 -2.99
C LEU C 83 19.37 -4.74 -2.05
N SER C 84 19.09 -5.35 -0.91
CA SER C 84 18.37 -4.68 0.15
C SER C 84 19.27 -3.63 0.77
N ASP C 85 20.52 -3.96 1.03
CA ASP C 85 21.53 -2.95 1.41
C ASP C 85 21.47 -1.74 0.50
N LEU C 86 21.50 -1.98 -0.79
CA LEU C 86 21.52 -0.88 -1.73
C LEU C 86 20.24 -0.06 -1.69
N HIS C 87 19.09 -0.73 -1.74
CA HIS C 87 17.83 -0.01 -2.01
C HIS C 87 17.22 0.55 -0.76
N ALA C 88 17.38 -0.16 0.35
CA ALA C 88 16.75 0.29 1.60
C ALA C 88 17.72 1.10 2.48
N HIS C 89 18.98 0.66 2.56
CA HIS C 89 19.96 1.26 3.49
C HIS C 89 20.58 2.45 2.81
N LYS C 90 21.18 2.26 1.63
CA LYS C 90 21.89 3.34 0.89
C LYS C 90 20.94 4.30 0.18
N LEU C 91 20.06 3.74 -0.66
CA LEU C 91 19.28 4.57 -1.58
C LEU C 91 18.00 5.16 -0.96
N ARG C 92 17.47 4.47 0.04
CA ARG C 92 16.15 4.78 0.63
C ARG C 92 15.02 5.03 -0.38
N VAL C 93 14.85 4.09 -1.29
CA VAL C 93 13.78 4.20 -2.27
C VAL C 93 12.40 4.04 -1.61
N ASP C 94 11.54 4.99 -1.88
CA ASP C 94 10.20 4.90 -1.45
C ASP C 94 9.57 3.71 -2.13
N PRO C 95 8.84 2.87 -1.38
CA PRO C 95 8.27 1.67 -1.93
C PRO C 95 7.28 1.89 -3.09
N VAL C 96 6.70 3.08 -3.20
CA VAL C 96 5.76 3.35 -4.28
C VAL C 96 6.43 3.08 -5.61
N ASN C 97 7.70 3.44 -5.70
CA ASN C 97 8.50 3.28 -6.90
C ASN C 97 8.63 1.88 -7.33
N PHE C 98 8.73 0.94 -6.38
CA PHE C 98 8.64 -0.48 -6.71
C PHE C 98 7.27 -0.90 -7.26
N LYS C 99 6.17 -0.35 -6.76
CA LYS C 99 4.90 -0.65 -7.45
C LYS C 99 4.90 -0.17 -8.89
N LEU C 100 5.45 1.02 -9.15
CA LEU C 100 5.52 1.58 -10.50
C LEU C 100 6.32 0.68 -11.43
N LEU C 101 7.49 0.22 -11.00
CA LEU C 101 8.32 -0.58 -11.88
C LEU C 101 7.77 -1.96 -12.02
N SER C 102 7.27 -2.54 -10.94
CA SER C 102 6.51 -3.80 -11.06
C SER C 102 5.36 -3.73 -12.07
N HIS C 103 4.51 -2.72 -11.96
CA HIS C 103 3.51 -2.54 -13.01
C HIS C 103 4.12 -2.51 -14.43
N CYS C 104 5.23 -1.79 -14.61
CA CYS C 104 5.87 -1.71 -15.93
C CYS C 104 6.47 -3.01 -16.37
N LEU C 105 6.98 -3.82 -15.44
CA LEU C 105 7.41 -5.16 -15.81
C LEU C 105 6.23 -6.04 -16.26
N LEU C 106 5.14 -6.02 -15.50
CA LEU C 106 3.93 -6.74 -15.92
C LEU C 106 3.46 -6.37 -17.33
N VAL C 107 3.47 -5.08 -17.65
CA VAL C 107 3.10 -4.60 -18.99
C VAL C 107 4.09 -5.09 -20.04
N THR C 108 5.37 -5.03 -19.72
CA THR C 108 6.36 -5.58 -20.63
C THR C 108 6.09 -7.07 -20.88
N LEU C 109 5.74 -7.78 -19.81
CA LEU C 109 5.53 -9.21 -19.96
C LEU C 109 4.24 -9.56 -20.73
N ALA C 110 3.16 -8.84 -20.47
CA ALA C 110 1.94 -8.98 -21.25
C ALA C 110 2.15 -8.74 -22.76
N ALA C 111 2.96 -7.74 -23.09
CA ALA C 111 3.20 -7.33 -24.50
C ALA C 111 4.03 -8.33 -25.27
N HIS C 112 4.88 -9.07 -24.56
CA HIS C 112 5.83 -9.98 -25.20
C HIS C 112 5.51 -11.44 -25.00
N LEU C 113 4.62 -11.77 -24.07
CA LEU C 113 4.37 -13.16 -23.74
C LEU C 113 2.89 -13.46 -23.73
N PRO C 114 2.21 -13.18 -24.84
CA PRO C 114 0.74 -13.20 -24.80
C PRO C 114 0.14 -14.61 -24.59
N ALA C 115 0.85 -15.65 -24.99
CA ALA C 115 0.43 -17.00 -24.68
C ALA C 115 0.54 -17.26 -23.19
N GLU C 116 1.59 -16.75 -22.56
CA GLU C 116 1.92 -17.13 -21.20
C GLU C 116 1.25 -16.26 -20.11
N PHE C 117 0.89 -15.04 -20.46
CA PHE C 117 0.33 -14.06 -19.52
C PHE C 117 -1.19 -14.28 -19.33
N THR C 118 -1.54 -15.47 -18.88
CA THR C 118 -2.89 -15.79 -18.44
C THR C 118 -3.26 -15.01 -17.13
N PRO C 119 -4.55 -15.00 -16.77
CA PRO C 119 -4.93 -14.40 -15.51
C PRO C 119 -4.23 -14.97 -14.26
N ALA C 120 -4.16 -16.30 -14.13
CA ALA C 120 -3.45 -16.96 -13.04
C ALA C 120 -1.95 -16.64 -12.96
N VAL C 121 -1.30 -16.55 -14.12
CA VAL C 121 0.09 -16.27 -14.16
C VAL C 121 0.35 -14.79 -13.84
N HIS C 122 -0.53 -13.92 -14.31
CA HIS C 122 -0.49 -12.50 -14.03
C HIS C 122 -0.54 -12.29 -12.53
N ALA C 123 -1.47 -13.00 -11.88
CA ALA C 123 -1.61 -13.02 -10.42
C ALA C 123 -0.32 -13.42 -9.69
N SER C 124 0.36 -14.47 -10.16
CA SER C 124 1.62 -14.92 -9.54
C SER C 124 2.78 -13.97 -9.73
N LEU C 125 2.90 -13.46 -10.93
CA LEU C 125 3.96 -12.49 -11.23
C LEU C 125 3.82 -11.25 -10.36
N ASP C 126 2.59 -10.80 -10.17
CA ASP C 126 2.33 -9.65 -9.31
C ASP C 126 2.70 -9.94 -7.89
N LYS C 127 2.31 -11.09 -7.38
CA LYS C 127 2.64 -11.45 -6.00
C LYS C 127 4.16 -11.56 -5.87
N PHE C 128 4.80 -12.23 -6.82
CA PHE C 128 6.27 -12.37 -6.84
C PHE C 128 6.96 -11.04 -6.80
N LEU C 129 6.50 -10.13 -7.64
CA LEU C 129 7.13 -8.82 -7.69
C LEU C 129 6.89 -8.00 -6.43
N ALA C 130 5.71 -8.12 -5.86
CA ALA C 130 5.45 -7.48 -4.59
C ALA C 130 6.42 -8.06 -3.49
N SER C 131 6.73 -9.35 -3.56
CA SER C 131 7.60 -9.99 -2.55
C SER C 131 9.04 -9.53 -2.71
N VAL C 132 9.51 -9.49 -3.95
CA VAL C 132 10.80 -8.92 -4.25
C VAL C 132 10.92 -7.50 -3.76
N SER C 133 9.89 -6.71 -4.04
CA SER C 133 9.85 -5.34 -3.60
C SER C 133 9.95 -5.20 -2.12
N THR C 134 9.18 -5.99 -1.37
CA THR C 134 9.19 -5.91 0.09
C THR C 134 10.60 -6.14 0.63
N VAL C 135 11.29 -7.12 0.06
CA VAL C 135 12.65 -7.44 0.47
C VAL C 135 13.67 -6.34 0.18
N LEU C 136 13.61 -5.76 -1.01
CA LEU C 136 14.52 -4.73 -1.37
C LEU C 136 14.20 -3.43 -0.62
N THR C 137 13.01 -3.32 -0.03
CA THR C 137 12.64 -2.09 0.71
C THR C 137 12.72 -2.21 2.24
N SER C 138 13.23 -3.33 2.71
CA SER C 138 13.30 -3.61 4.11
C SER C 138 14.74 -3.54 4.60
N LYS C 139 14.92 -2.99 5.80
CA LYS C 139 16.15 -3.10 6.53
C LYS C 139 16.00 -4.27 7.45
N TYR C 140 16.78 -5.33 7.22
CA TYR C 140 16.74 -6.52 8.06
C TYR C 140 18.12 -7.08 8.49
N ARG C 141 19.13 -6.22 8.48
CA ARG C 141 20.40 -6.51 9.18
C ARG C 141 20.35 -6.66 10.73
N VAL D 1 -7.55 15.48 -18.38
CA VAL D 1 -6.34 14.82 -18.96
C VAL D 1 -6.00 15.53 -20.26
N HIS D 2 -4.82 16.13 -20.36
CA HIS D 2 -4.39 16.62 -21.68
C HIS D 2 -3.60 15.48 -22.30
N LEU D 3 -4.07 15.04 -23.47
CA LEU D 3 -3.27 14.27 -24.43
C LEU D 3 -2.71 15.11 -25.58
N THR D 4 -1.49 14.77 -25.92
CA THR D 4 -0.79 15.27 -27.09
C THR D 4 -1.45 14.72 -28.38
N PRO D 5 -1.33 15.44 -29.52
CA PRO D 5 -1.87 14.92 -30.80
C PRO D 5 -1.46 13.48 -31.08
N GLU D 6 -0.17 13.23 -30.92
CA GLU D 6 0.42 11.94 -31.19
C GLU D 6 -0.10 10.90 -30.19
N GLU D 7 -0.06 11.23 -28.91
CA GLU D 7 -0.73 10.47 -27.87
C GLU D 7 -2.25 10.17 -28.13
N LYS D 8 -2.99 11.21 -28.51
CA LYS D 8 -4.44 11.11 -28.63
C LYS D 8 -4.82 10.19 -29.76
N SER D 9 -4.08 10.29 -30.85
CA SER D 9 -4.41 9.51 -32.03
C SER D 9 -4.02 8.06 -31.76
N ALA D 10 -2.90 7.89 -31.06
CA ALA D 10 -2.42 6.58 -30.63
C ALA D 10 -3.43 5.87 -29.74
N VAL D 11 -3.94 6.57 -28.73
CA VAL D 11 -4.92 6.00 -27.78
C VAL D 11 -6.23 5.55 -28.50
N THR D 12 -6.73 6.48 -29.31
CA THR D 12 -7.99 6.27 -30.03
C THR D 12 -7.82 5.22 -31.12
N ALA D 13 -6.67 5.19 -31.77
CA ALA D 13 -6.45 4.22 -32.84
C ALA D 13 -6.48 2.79 -32.26
N LEU D 14 -5.79 2.61 -31.13
CA LEU D 14 -5.89 1.36 -30.37
C LEU D 14 -7.29 1.06 -29.81
N TRP D 15 -7.97 2.09 -29.32
CA TRP D 15 -9.29 1.89 -28.67
C TRP D 15 -10.28 1.36 -29.72
N GLY D 16 -10.14 1.86 -30.94
CA GLY D 16 -10.97 1.42 -32.06
C GLY D 16 -10.92 -0.07 -32.35
N LYS D 17 -9.80 -0.72 -32.05
CA LYS D 17 -9.67 -2.19 -32.22
C LYS D 17 -10.17 -3.00 -31.01
N VAL D 18 -10.44 -2.33 -29.90
CA VAL D 18 -10.93 -3.01 -28.69
C VAL D 18 -12.31 -3.61 -28.90
N ASN D 19 -12.45 -4.92 -28.70
CA ASN D 19 -13.74 -5.54 -28.68
C ASN D 19 -14.48 -5.18 -27.43
N VAL D 20 -15.47 -4.33 -27.58
CA VAL D 20 -16.12 -3.69 -26.45
C VAL D 20 -17.06 -4.63 -25.70
N ASP D 21 -17.33 -5.80 -26.26
CA ASP D 21 -18.11 -6.80 -25.54
C ASP D 21 -17.24 -7.76 -24.72
N GLU D 22 -15.92 -7.72 -24.88
CA GLU D 22 -15.10 -8.69 -24.17
C GLU D 22 -14.05 -8.07 -23.25
N VAL D 23 -13.50 -6.92 -23.62
CA VAL D 23 -12.26 -6.45 -22.99
C VAL D 23 -12.53 -5.98 -21.55
N GLY D 24 -13.74 -5.45 -21.33
CA GLY D 24 -14.21 -5.00 -20.02
C GLY D 24 -14.37 -6.15 -19.07
N GLY D 25 -14.94 -7.25 -19.57
CA GLY D 25 -15.08 -8.46 -18.78
C GLY D 25 -13.74 -9.13 -18.47
N GLU D 26 -12.82 -9.07 -19.42
CA GLU D 26 -11.42 -9.42 -19.16
C GLU D 26 -10.74 -8.64 -18.01
N ALA D 27 -10.79 -7.31 -18.06
CA ALA D 27 -10.14 -6.50 -17.09
C ALA D 27 -10.76 -6.74 -15.71
N LEU D 28 -12.08 -6.76 -15.65
CA LEU D 28 -12.78 -6.99 -14.37
C LEU D 28 -12.46 -8.39 -13.83
N GLY D 29 -12.47 -9.36 -14.72
CA GLY D 29 -12.04 -10.67 -14.38
C GLY D 29 -10.66 -10.76 -13.80
N ARG D 30 -9.72 -10.03 -14.36
CA ARG D 30 -8.34 -10.04 -13.84
C ARG D 30 -8.25 -9.31 -12.53
N LEU D 31 -9.00 -8.23 -12.40
CA LEU D 31 -9.13 -7.62 -11.07
C LEU D 31 -9.51 -8.68 -10.01
N LEU D 32 -10.54 -9.46 -10.27
CA LEU D 32 -11.04 -10.42 -9.26
C LEU D 32 -10.04 -11.54 -9.05
N VAL D 33 -9.23 -11.89 -10.04
CA VAL D 33 -8.26 -12.95 -9.88
C VAL D 33 -6.96 -12.50 -9.23
N VAL D 34 -6.45 -11.34 -9.63
CA VAL D 34 -5.14 -10.84 -9.17
C VAL D 34 -5.29 -10.19 -7.77
N TYR D 35 -6.43 -9.54 -7.49
CA TYR D 35 -6.72 -8.88 -6.22
C TYR D 35 -8.05 -9.42 -5.62
N PRO D 36 -7.98 -10.63 -5.03
CA PRO D 36 -9.13 -11.50 -4.80
C PRO D 36 -10.15 -10.94 -3.81
N TRP D 37 -9.70 -10.08 -2.88
CA TRP D 37 -10.62 -9.38 -2.00
C TRP D 37 -11.66 -8.55 -2.75
N THR D 38 -11.39 -8.19 -4.00
CA THR D 38 -12.42 -7.42 -4.74
C THR D 38 -13.64 -8.23 -5.05
N GLN D 39 -13.49 -9.55 -5.01
CA GLN D 39 -14.60 -10.49 -5.19
C GLN D 39 -15.74 -10.24 -4.22
N ARG D 40 -15.42 -9.72 -3.05
CA ARG D 40 -16.39 -9.52 -1.99
C ARG D 40 -17.47 -8.53 -2.42
N PHE D 41 -17.08 -7.57 -3.25
CA PHE D 41 -18.03 -6.60 -3.78
C PHE D 41 -19.03 -7.22 -4.76
N PHE D 42 -18.74 -8.41 -5.29
CA PHE D 42 -19.57 -9.10 -6.31
C PHE D 42 -19.98 -10.49 -5.82
N GLU D 43 -20.23 -10.61 -4.52
CA GLU D 43 -20.73 -11.87 -3.91
C GLU D 43 -21.94 -12.42 -4.64
N SER D 44 -22.79 -11.51 -5.11
CA SER D 44 -23.99 -11.80 -5.87
C SER D 44 -23.81 -12.49 -7.25
N PHE D 45 -22.59 -12.66 -7.71
CA PHE D 45 -22.31 -13.08 -9.11
C PHE D 45 -22.18 -14.58 -9.18
N GLY D 46 -22.16 -15.25 -8.03
CA GLY D 46 -22.07 -16.69 -7.96
C GLY D 46 -20.65 -17.19 -7.83
N ASP D 47 -20.30 -18.24 -8.58
CA ASP D 47 -19.01 -18.90 -8.39
C ASP D 47 -17.87 -18.03 -8.90
N LEU D 48 -17.00 -17.60 -7.99
CA LEU D 48 -15.79 -16.90 -8.34
C LEU D 48 -14.60 -17.62 -7.73
N SER D 49 -14.72 -18.92 -7.51
CA SER D 49 -13.75 -19.67 -6.68
C SER D 49 -12.47 -20.03 -7.46
N THR D 50 -12.44 -19.73 -8.75
CA THR D 50 -11.45 -20.29 -9.66
C THR D 50 -11.19 -19.27 -10.74
N PRO D 51 -9.97 -19.23 -11.26
CA PRO D 51 -9.75 -18.29 -12.33
C PRO D 51 -10.62 -18.53 -13.56
N ASP D 52 -10.77 -19.78 -13.99
CA ASP D 52 -11.74 -20.11 -15.06
C ASP D 52 -13.19 -19.79 -14.72
N ALA D 53 -13.61 -20.12 -13.51
CA ALA D 53 -14.93 -19.72 -13.05
C ALA D 53 -15.17 -18.21 -13.17
N VAL D 54 -14.22 -17.44 -12.64
CA VAL D 54 -14.24 -15.98 -12.76
C VAL D 54 -14.33 -15.55 -14.22
N MET D 55 -13.39 -16.03 -15.03
CA MET D 55 -13.25 -15.50 -16.39
C MET D 55 -14.45 -15.92 -17.26
N GLY D 56 -15.07 -17.06 -16.95
CA GLY D 56 -16.32 -17.48 -17.61
C GLY D 56 -17.63 -17.15 -16.87
N ASN D 57 -17.59 -16.22 -15.93
CA ASN D 57 -18.78 -15.86 -15.23
C ASN D 57 -19.54 -14.86 -16.06
N PRO D 58 -20.76 -15.22 -16.46
CA PRO D 58 -21.47 -14.36 -17.40
C PRO D 58 -21.82 -13.02 -16.79
N LYS D 59 -22.01 -12.97 -15.48
CA LYS D 59 -22.31 -11.68 -14.85
C LYS D 59 -21.06 -10.80 -14.74
N VAL D 60 -19.90 -11.42 -14.57
CA VAL D 60 -18.64 -10.67 -14.69
C VAL D 60 -18.47 -10.03 -16.08
N LYS D 61 -18.67 -10.84 -17.11
CA LYS D 61 -18.57 -10.35 -18.46
C LYS D 61 -19.56 -9.25 -18.73
N ALA D 62 -20.79 -9.45 -18.29
CA ALA D 62 -21.85 -8.46 -18.51
C ALA D 62 -21.45 -7.20 -17.83
N HIS D 63 -21.12 -7.29 -16.54
CA HIS D 63 -20.81 -6.10 -15.76
C HIS D 63 -19.54 -5.37 -16.27
N GLY D 64 -18.58 -6.15 -16.78
CA GLY D 64 -17.38 -5.60 -17.40
C GLY D 64 -17.68 -4.71 -18.59
N LYS D 65 -18.63 -5.17 -19.40
CA LYS D 65 -19.13 -4.39 -20.50
C LYS D 65 -19.52 -2.97 -20.06
N LYS D 66 -20.21 -2.86 -18.94
CA LYS D 66 -20.62 -1.54 -18.45
C LYS D 66 -19.44 -0.69 -17.99
N VAL D 67 -18.47 -1.30 -17.31
CA VAL D 67 -17.31 -0.52 -16.80
C VAL D 67 -16.47 -0.01 -18.01
N LEU D 68 -16.27 -0.83 -19.03
CA LEU D 68 -15.58 -0.40 -20.25
C LEU D 68 -16.35 0.73 -20.92
N GLY D 69 -17.68 0.56 -20.93
CA GLY D 69 -18.59 1.59 -21.37
C GLY D 69 -18.30 2.94 -20.77
N ALA D 70 -18.12 2.95 -19.47
CA ALA D 70 -17.76 4.17 -18.79
C ALA D 70 -16.40 4.72 -19.21
N PHE D 71 -15.41 3.86 -19.39
CA PHE D 71 -14.10 4.33 -19.84
C PHE D 71 -14.22 4.92 -21.24
N SER D 72 -15.01 4.26 -22.11
CA SER D 72 -15.24 4.75 -23.48
C SER D 72 -15.86 6.13 -23.44
N ASP D 73 -16.90 6.27 -22.63
CA ASP D 73 -17.51 7.58 -22.32
C ASP D 73 -16.46 8.61 -21.93
N GLY D 74 -15.59 8.22 -21.00
CA GLY D 74 -14.48 9.05 -20.54
C GLY D 74 -13.61 9.62 -21.64
N LEU D 75 -13.31 8.81 -22.65
CA LEU D 75 -12.44 9.25 -23.75
C LEU D 75 -12.96 10.47 -24.50
N ALA D 76 -14.29 10.59 -24.59
CA ALA D 76 -14.95 11.74 -25.20
C ALA D 76 -15.05 12.94 -24.27
N HIS D 77 -14.67 12.80 -23.01
CA HIS D 77 -14.83 13.89 -22.03
C HIS D 77 -13.59 14.01 -21.13
N LEU D 78 -12.39 13.95 -21.74
CA LEU D 78 -11.14 13.85 -20.97
C LEU D 78 -10.93 15.06 -20.09
N ASP D 79 -11.59 16.14 -20.49
CA ASP D 79 -11.47 17.44 -19.88
C ASP D 79 -12.57 17.73 -18.88
N ASN D 80 -13.44 16.77 -18.66
CA ASN D 80 -14.41 16.87 -17.58
C ASN D 80 -14.75 15.50 -17.03
N LEU D 81 -13.73 14.76 -16.56
CA LEU D 81 -13.95 13.45 -15.99
C LEU D 81 -14.73 13.51 -14.69
N LYS D 82 -14.50 14.53 -13.87
CA LYS D 82 -15.14 14.60 -12.56
C LYS D 82 -16.62 14.78 -12.74
N GLY D 83 -16.99 15.67 -13.64
CA GLY D 83 -18.40 15.95 -13.95
C GLY D 83 -19.07 14.69 -14.48
N THR D 84 -18.46 14.12 -15.51
CA THR D 84 -18.97 12.92 -16.12
C THR D 84 -19.13 11.77 -15.13
N PHE D 85 -18.22 11.64 -14.18
CA PHE D 85 -18.22 10.47 -13.28
C PHE D 85 -18.83 10.77 -11.91
N ALA D 86 -19.50 11.91 -11.79
CA ALA D 86 -20.02 12.35 -10.50
C ALA D 86 -21.02 11.35 -9.94
N THR D 87 -21.93 10.86 -10.75
CA THR D 87 -22.93 9.94 -10.24
C THR D 87 -22.27 8.64 -9.79
N LEU D 88 -21.37 8.15 -10.62
CA LEU D 88 -20.63 6.91 -10.28
C LEU D 88 -19.74 7.02 -9.02
N SER D 89 -19.07 8.17 -8.85
CA SER D 89 -18.27 8.47 -7.66
C SER D 89 -19.09 8.39 -6.38
N GLU D 90 -20.31 8.91 -6.44
CA GLU D 90 -21.28 8.74 -5.37
C GLU D 90 -21.65 7.31 -5.13
N LEU D 91 -21.89 6.58 -6.19
CA LEU D 91 -22.20 5.17 -5.99
C LEU D 91 -21.03 4.47 -5.30
N HIS D 92 -19.82 4.66 -5.79
CA HIS D 92 -18.70 3.78 -5.37
C HIS D 92 -18.18 4.17 -3.99
N CYS D 93 -18.11 5.48 -3.73
CA CYS D 93 -17.58 6.04 -2.48
C CYS D 93 -18.62 6.08 -1.36
N ASP D 94 -19.76 6.74 -1.60
CA ASP D 94 -20.76 7.02 -0.54
C ASP D 94 -21.62 5.82 -0.20
N LYS D 95 -21.74 4.89 -1.12
CA LYS D 95 -22.69 3.82 -1.02
C LYS D 95 -22.03 2.44 -0.87
N LEU D 96 -21.07 2.13 -1.75
CA LEU D 96 -20.32 0.88 -1.66
C LEU D 96 -19.12 0.98 -0.76
N HIS D 97 -18.56 2.18 -0.59
CA HIS D 97 -17.34 2.35 0.20
C HIS D 97 -16.19 1.49 -0.33
N VAL D 98 -16.06 1.41 -1.65
CA VAL D 98 -14.83 0.90 -2.27
C VAL D 98 -13.60 1.73 -1.89
N ASP D 99 -12.57 1.08 -1.32
CA ASP D 99 -11.31 1.77 -1.12
C ASP D 99 -10.71 2.29 -2.45
N PRO D 100 -10.29 3.55 -2.47
CA PRO D 100 -9.95 4.12 -3.77
C PRO D 100 -8.69 3.56 -4.40
N GLU D 101 -7.85 2.93 -3.59
CA GLU D 101 -6.76 2.17 -4.13
C GLU D 101 -7.20 1.15 -5.17
N ASN D 102 -8.37 0.55 -4.98
CA ASN D 102 -8.90 -0.41 -5.97
C ASN D 102 -9.30 0.20 -7.34
N PHE D 103 -9.63 1.50 -7.38
CA PHE D 103 -9.81 2.19 -8.66
C PHE D 103 -8.51 2.25 -9.43
N ARG D 104 -7.41 2.50 -8.73
CA ARG D 104 -6.08 2.55 -9.37
C ARG D 104 -5.68 1.17 -9.86
N LEU D 105 -5.95 0.16 -9.05
CA LEU D 105 -5.67 -1.24 -9.45
C LEU D 105 -6.39 -1.66 -10.72
N LEU D 106 -7.66 -1.31 -10.86
CA LEU D 106 -8.41 -1.70 -12.07
C LEU D 106 -7.85 -1.00 -13.29
N GLY D 107 -7.61 0.30 -13.14
CA GLY D 107 -6.93 1.08 -14.20
C GLY D 107 -5.71 0.37 -14.70
N ASN D 108 -4.90 -0.12 -13.76
CA ASN D 108 -3.71 -0.85 -14.12
C ASN D 108 -3.91 -2.21 -14.70
N VAL D 109 -4.92 -2.97 -14.23
CA VAL D 109 -5.19 -4.24 -14.89
C VAL D 109 -5.68 -4.00 -16.32
N LEU D 110 -6.49 -2.96 -16.52
CA LEU D 110 -6.92 -2.61 -17.89
C LEU D 110 -5.72 -2.34 -18.81
N VAL D 111 -4.75 -1.56 -18.31
CA VAL D 111 -3.52 -1.34 -19.05
C VAL D 111 -2.79 -2.65 -19.39
N CYS D 112 -2.76 -3.59 -18.44
CA CYS D 112 -2.14 -4.88 -18.73
C CYS D 112 -2.87 -5.65 -19.84
N VAL D 113 -4.19 -5.56 -19.83
CA VAL D 113 -5.06 -6.24 -20.82
C VAL D 113 -4.82 -5.61 -22.21
N LEU D 114 -4.74 -4.28 -22.29
CA LEU D 114 -4.38 -3.62 -23.53
C LEU D 114 -3.05 -4.12 -24.06
N ALA D 115 -2.03 -4.15 -23.21
CA ALA D 115 -0.74 -4.51 -23.71
C ALA D 115 -0.80 -5.93 -24.19
N HIS D 116 -1.57 -6.75 -23.47
CA HIS D 116 -1.71 -8.16 -23.82
C HIS D 116 -2.26 -8.33 -25.21
N HIS D 117 -3.31 -7.58 -25.52
CA HIS D 117 -3.92 -7.64 -26.84
C HIS D 117 -3.07 -7.05 -27.95
N PHE D 118 -2.39 -5.94 -27.70
CA PHE D 118 -1.80 -5.13 -28.77
C PHE D 118 -0.31 -5.22 -28.90
N GLY D 119 0.32 -5.95 -27.99
CA GLY D 119 1.74 -6.25 -28.05
C GLY D 119 2.57 -5.08 -28.49
N LYS D 120 3.41 -5.30 -29.48
CA LYS D 120 4.36 -4.27 -29.80
C LYS D 120 3.75 -2.95 -30.17
N GLU D 121 2.48 -2.88 -30.55
CA GLU D 121 1.82 -1.57 -30.72
C GLU D 121 1.65 -0.83 -29.39
N PHE D 122 1.72 -1.54 -28.25
CA PHE D 122 1.60 -0.89 -26.93
C PHE D 122 2.95 -0.41 -26.44
N THR D 123 3.47 0.59 -27.15
CA THR D 123 4.82 1.08 -26.95
C THR D 123 4.87 1.92 -25.68
N PRO D 124 6.08 2.15 -25.15
CA PRO D 124 6.17 2.94 -23.93
C PRO D 124 5.44 4.24 -24.02
N PRO D 125 5.56 5.02 -25.11
CA PRO D 125 4.78 6.28 -25.07
C PRO D 125 3.27 6.07 -25.14
N VAL D 126 2.84 5.02 -25.81
CA VAL D 126 1.40 4.71 -25.87
C VAL D 126 0.91 4.35 -24.46
N GLN D 127 1.70 3.55 -23.75
CA GLN D 127 1.34 3.23 -22.38
C GLN D 127 1.23 4.47 -21.54
N ALA D 128 2.20 5.36 -21.66
CA ALA D 128 2.27 6.55 -20.83
C ALA D 128 1.03 7.38 -20.97
N ALA D 129 0.53 7.40 -22.20
CA ALA D 129 -0.74 8.04 -22.53
C ALA D 129 -1.94 7.36 -21.86
N TYR D 130 -1.97 6.04 -21.89
CA TYR D 130 -3.03 5.31 -21.24
C TYR D 130 -2.97 5.44 -19.74
N GLN D 131 -1.76 5.56 -19.19
CA GLN D 131 -1.64 5.84 -17.77
C GLN D 131 -2.31 7.17 -17.42
N LYS D 132 -2.16 8.18 -18.24
CA LYS D 132 -2.82 9.44 -17.93
C LYS D 132 -4.33 9.26 -17.90
N VAL D 133 -4.84 8.45 -18.80
CA VAL D 133 -6.27 8.24 -18.88
C VAL D 133 -6.76 7.47 -17.66
N VAL D 134 -6.10 6.35 -17.32
CA VAL D 134 -6.62 5.54 -16.21
C VAL D 134 -6.49 6.23 -14.87
N ALA D 135 -5.41 6.97 -14.67
CA ALA D 135 -5.26 7.86 -13.52
C ALA D 135 -6.33 8.95 -13.44
N GLY D 136 -6.67 9.55 -14.59
CA GLY D 136 -7.80 10.49 -14.65
C GLY D 136 -9.11 9.89 -14.20
N VAL D 137 -9.41 8.71 -14.73
CA VAL D 137 -10.64 8.07 -14.41
C VAL D 137 -10.73 7.70 -12.93
N ALA D 138 -9.61 7.21 -12.38
CA ALA D 138 -9.62 6.67 -11.02
C ALA D 138 -9.81 7.83 -10.05
N ASN D 139 -9.16 8.93 -10.38
CA ASN D 139 -9.26 10.12 -9.57
C ASN D 139 -10.66 10.74 -9.61
N ALA D 140 -11.25 10.74 -10.78
CA ALA D 140 -12.62 11.20 -10.96
C ALA D 140 -13.60 10.31 -10.20
N LEU D 141 -13.39 9.01 -10.31
CA LEU D 141 -14.21 8.07 -9.54
C LEU D 141 -14.04 8.21 -8.01
N ALA D 142 -12.85 8.65 -7.57
CA ALA D 142 -12.59 8.89 -6.15
C ALA D 142 -13.00 10.27 -5.64
N HIS D 143 -13.57 11.09 -6.51
CA HIS D 143 -13.71 12.52 -6.22
C HIS D 143 -14.44 12.77 -4.93
N LYS D 144 -15.45 11.96 -4.65
CA LYS D 144 -16.25 12.16 -3.44
C LYS D 144 -15.54 11.85 -2.11
N TYR D 145 -14.39 11.18 -2.15
CA TYR D 145 -13.51 11.05 -0.96
C TYR D 145 -12.66 12.33 -0.69
N HIS D 146 -12.55 13.24 -1.66
CA HIS D 146 -11.54 14.31 -1.61
C HIS D 146 -12.15 15.62 -1.12
N VAL E 1 10.28 -7.65 5.99
CA VAL E 1 11.24 -8.64 6.53
C VAL E 1 11.80 -8.10 7.83
N LEU E 2 11.62 -8.87 8.88
CA LEU E 2 12.06 -8.49 10.22
C LEU E 2 13.58 -8.69 10.38
N SER E 3 14.26 -7.72 10.97
CA SER E 3 15.59 -7.95 11.51
C SER E 3 15.61 -8.85 12.75
N PRO E 4 16.79 -9.43 13.08
CA PRO E 4 16.95 -10.06 14.39
C PRO E 4 16.58 -9.13 15.55
N ALA E 5 17.04 -7.89 15.52
CA ALA E 5 16.64 -6.89 16.50
C ALA E 5 15.11 -6.69 16.61
N ASP E 6 14.44 -6.62 15.45
CA ASP E 6 13.00 -6.46 15.41
C ASP E 6 12.34 -7.57 16.20
N LYS E 7 12.81 -8.80 16.00
CA LYS E 7 12.18 -9.98 16.63
C LYS E 7 12.25 -9.92 18.17
N THR E 8 13.43 -9.60 18.68
CA THR E 8 13.62 -9.50 20.13
C THR E 8 12.82 -8.31 20.64
N ASN E 9 12.82 -7.19 19.93
CA ASN E 9 11.94 -6.08 20.33
C ASN E 9 10.48 -6.47 20.45
N VAL E 10 10.01 -7.30 19.53
CA VAL E 10 8.58 -7.63 19.49
C VAL E 10 8.29 -8.59 20.62
N LYS E 11 9.11 -9.62 20.77
CA LYS E 11 8.97 -10.54 21.93
C LYS E 11 8.98 -9.84 23.31
N ALA E 12 9.87 -8.88 23.50
CA ALA E 12 9.96 -8.17 24.79
C ALA E 12 8.72 -7.29 25.03
N ALA E 13 8.36 -6.45 24.07
CA ALA E 13 7.16 -5.62 24.22
C ALA E 13 5.88 -6.43 24.39
N TRP E 14 5.64 -7.38 23.50
CA TRP E 14 4.40 -8.13 23.55
C TRP E 14 4.40 -8.97 24.83
N GLY E 15 5.59 -9.38 25.30
CA GLY E 15 5.72 -10.14 26.55
C GLY E 15 5.17 -9.35 27.72
N LYS E 16 5.44 -8.06 27.72
CA LYS E 16 4.98 -7.15 28.78
C LYS E 16 3.47 -6.86 28.71
N VAL E 17 2.80 -7.23 27.62
CA VAL E 17 1.33 -7.25 27.60
C VAL E 17 0.80 -8.27 28.57
N GLY E 18 1.36 -9.47 28.57
CA GLY E 18 0.98 -10.47 29.58
C GLY E 18 -0.51 -10.77 29.53
N ALA E 19 -1.14 -10.84 30.67
CA ALA E 19 -2.56 -11.21 30.76
C ALA E 19 -3.52 -10.07 30.45
N HIS E 20 -3.01 -8.90 30.11
CA HIS E 20 -3.88 -7.85 29.56
C HIS E 20 -4.11 -7.98 28.06
N ALA E 21 -3.71 -9.09 27.46
CA ALA E 21 -3.62 -9.14 26.03
C ALA E 21 -5.00 -9.03 25.46
N GLY E 22 -5.93 -9.81 25.99
CA GLY E 22 -7.34 -9.68 25.64
C GLY E 22 -7.93 -8.29 25.80
N GLU E 23 -7.47 -7.57 26.80
CA GLU E 23 -7.91 -6.18 26.96
C GLU E 23 -7.30 -5.26 25.89
N TYR E 24 -6.07 -5.52 25.48
CA TYR E 24 -5.49 -4.69 24.44
C TYR E 24 -6.18 -5.03 23.12
N GLY E 25 -6.38 -6.32 22.91
CA GLY E 25 -7.11 -6.83 21.76
C GLY E 25 -8.43 -6.14 21.58
N ALA E 26 -9.25 -6.12 22.60
CA ALA E 26 -10.57 -5.54 22.51
C ALA E 26 -10.55 -4.03 22.30
N GLU E 27 -9.60 -3.37 22.93
CA GLU E 27 -9.57 -1.92 22.87
C GLU E 27 -9.16 -1.48 21.45
N ALA E 28 -8.26 -2.24 20.82
CA ALA E 28 -7.83 -1.95 19.46
C ALA E 28 -8.96 -2.06 18.47
N LEU E 29 -9.80 -3.09 18.65
CA LEU E 29 -11.00 -3.27 17.85
C LEU E 29 -11.97 -2.12 18.07
N GLU E 30 -12.15 -1.75 19.32
CA GLU E 30 -13.12 -0.69 19.59
C GLU E 30 -12.62 0.62 18.97
N ARG E 31 -11.32 0.86 19.08
CA ARG E 31 -10.70 2.00 18.43
C ARG E 31 -10.92 1.94 16.93
N MET E 32 -10.69 0.76 16.34
CA MET E 32 -10.90 0.61 14.91
C MET E 32 -12.33 0.95 14.48
N PHE E 33 -13.32 0.29 15.12
CA PHE E 33 -14.73 0.47 14.73
C PHE E 33 -15.24 1.88 14.89
N LEU E 34 -14.81 2.54 15.95
CA LEU E 34 -15.12 4.00 16.13
C LEU E 34 -14.34 5.00 15.22
N SER E 35 -13.03 4.81 15.06
CA SER E 35 -12.23 5.72 14.19
C SER E 35 -12.50 5.54 12.69
N PHE E 36 -12.84 4.30 12.28
CA PHE E 36 -12.96 3.95 10.84
C PHE E 36 -14.18 3.12 10.64
N PRO E 37 -15.37 3.75 10.56
CA PRO E 37 -16.53 2.89 10.72
C PRO E 37 -16.86 2.00 9.55
N THR E 38 -16.27 2.20 8.37
CA THR E 38 -16.41 1.19 7.31
C THR E 38 -15.93 -0.17 7.73
N THR E 39 -15.02 -0.26 8.71
CA THR E 39 -14.49 -1.58 9.07
C THR E 39 -15.59 -2.43 9.72
N LYS E 40 -16.66 -1.78 10.17
CA LYS E 40 -17.76 -2.49 10.79
C LYS E 40 -18.44 -3.47 9.84
N THR E 41 -18.30 -3.22 8.55
CA THR E 41 -19.00 -3.98 7.49
C THR E 41 -18.71 -5.46 7.58
N TYR E 42 -17.53 -5.78 8.09
CA TYR E 42 -17.12 -7.16 8.23
C TYR E 42 -17.79 -7.88 9.38
N PHE E 43 -18.48 -7.15 10.24
CA PHE E 43 -19.07 -7.76 11.44
C PHE E 43 -20.55 -7.44 11.52
N PRO E 44 -21.31 -7.87 10.51
CA PRO E 44 -22.67 -7.41 10.34
C PRO E 44 -23.63 -7.80 11.49
N HIS E 45 -23.36 -8.92 12.17
CA HIS E 45 -24.20 -9.43 13.25
C HIS E 45 -23.47 -9.46 14.62
N PHE E 46 -22.48 -8.60 14.79
CA PHE E 46 -21.87 -8.37 16.10
C PHE E 46 -22.67 -7.27 16.78
N ASP E 47 -22.63 -7.27 18.12
CA ASP E 47 -22.89 -6.08 18.89
C ASP E 47 -21.57 -5.32 19.04
N LEU E 48 -21.52 -4.11 18.47
CA LEU E 48 -20.29 -3.35 18.38
C LEU E 48 -20.34 -2.11 19.26
N SER E 49 -21.35 -2.06 20.16
CA SER E 49 -21.46 -0.97 21.12
C SER E 49 -20.33 -1.00 22.13
N HIS E 50 -20.14 0.13 22.81
CA HIS E 50 -19.14 0.23 23.82
C HIS E 50 -19.68 -0.70 24.86
N GLY E 51 -18.81 -1.55 25.40
CA GLY E 51 -19.18 -2.46 26.45
C GLY E 51 -19.39 -3.87 25.95
N SER E 52 -19.43 -4.05 24.62
CA SER E 52 -19.92 -5.32 24.05
C SER E 52 -19.06 -6.48 24.55
N ALA E 53 -19.72 -7.55 25.01
CA ALA E 53 -19.01 -8.76 25.45
C ALA E 53 -18.43 -9.48 24.24
N GLN E 54 -19.04 -9.23 23.11
CA GLN E 54 -18.65 -9.89 21.90
C GLN E 54 -17.33 -9.33 21.38
N VAL E 55 -17.22 -7.99 21.37
CA VAL E 55 -15.95 -7.29 21.02
C VAL E 55 -14.88 -7.73 21.98
N LYS E 56 -15.23 -7.85 23.26
CA LYS E 56 -14.27 -8.34 24.23
C LYS E 56 -13.77 -9.76 23.94
N GLY E 57 -14.71 -10.69 23.72
CA GLY E 57 -14.36 -12.07 23.35
C GLY E 57 -13.53 -12.16 22.09
N HIS E 58 -13.92 -11.38 21.09
CA HIS E 58 -13.15 -11.35 19.83
C HIS E 58 -11.71 -10.82 20.00
N GLY E 59 -11.57 -9.76 20.78
CA GLY E 59 -10.28 -9.19 21.09
C GLY E 59 -9.27 -10.15 21.67
N LYS E 60 -9.75 -10.99 22.56
CA LYS E 60 -8.89 -12.01 23.18
C LYS E 60 -8.38 -13.00 22.14
N LYS E 61 -9.28 -13.43 21.26
CA LYS E 61 -8.90 -14.30 20.12
C LYS E 61 -7.82 -13.69 19.26
N VAL E 62 -8.00 -12.41 18.88
CA VAL E 62 -7.02 -11.67 18.11
C VAL E 62 -5.69 -11.58 18.83
N ALA E 63 -5.74 -11.18 20.09
CA ALA E 63 -4.55 -11.01 20.91
C ALA E 63 -3.78 -12.31 21.08
N ASP E 64 -4.49 -13.38 21.33
CA ASP E 64 -3.84 -14.69 21.42
C ASP E 64 -3.27 -15.15 20.07
N ALA E 65 -3.93 -14.80 18.97
CA ALA E 65 -3.39 -15.16 17.66
C ALA E 65 -2.05 -14.45 17.47
N LEU E 66 -1.96 -13.20 17.93
CA LEU E 66 -0.72 -12.47 17.82
C LEU E 66 0.42 -13.03 18.68
N THR E 67 0.07 -13.37 19.91
CA THR E 67 0.95 -14.16 20.78
C THR E 67 1.46 -15.43 20.12
N ASN E 68 0.57 -16.16 19.47
CA ASN E 68 1.03 -17.29 18.65
C ASN E 68 2.04 -16.87 17.57
N ALA E 69 1.73 -15.80 16.83
CA ALA E 69 2.66 -15.24 15.79
C ALA E 69 4.02 -14.87 16.32
N VAL E 70 4.00 -14.16 17.42
CA VAL E 70 5.22 -13.81 18.11
C VAL E 70 6.06 -15.04 18.44
N ALA E 71 5.41 -16.05 18.96
CA ALA E 71 6.08 -17.28 19.28
C ALA E 71 6.65 -17.99 18.06
N HIS E 72 6.06 -17.79 16.88
CA HIS E 72 6.48 -18.48 15.67
C HIS E 72 6.92 -17.46 14.67
N VAL E 73 7.65 -16.47 15.12
CA VAL E 73 7.92 -15.31 14.29
C VAL E 73 8.76 -15.72 13.08
N ASP E 74 9.51 -16.80 13.18
CA ASP E 74 10.37 -17.24 12.05
C ASP E 74 9.65 -18.03 10.97
N ASP E 75 8.42 -18.49 11.23
CA ASP E 75 7.67 -19.33 10.28
C ASP E 75 6.18 -19.02 10.40
N MET E 76 5.83 -17.77 10.12
CA MET E 76 4.47 -17.36 10.33
C MET E 76 3.56 -17.98 9.29
N PRO E 77 4.05 -18.15 8.06
CA PRO E 77 3.14 -18.70 7.10
C PRO E 77 2.56 -20.07 7.54
N ASN E 78 3.38 -20.97 8.09
CA ASN E 78 2.85 -22.27 8.56
C ASN E 78 2.00 -22.10 9.80
N ALA E 79 2.51 -21.29 10.72
CA ALA E 79 1.80 -21.03 11.97
C ALA E 79 0.40 -20.46 11.78
N LEU E 80 0.20 -19.65 10.76
CA LEU E 80 -1.04 -18.87 10.63
C LEU E 80 -1.88 -19.24 9.42
N SER E 81 -1.59 -20.38 8.79
CA SER E 81 -2.26 -20.73 7.55
C SER E 81 -3.78 -20.77 7.74
N ALA E 82 -4.27 -21.23 8.89
CA ALA E 82 -5.74 -21.36 9.08
C ALA E 82 -6.42 -20.02 9.16
N LEU E 83 -5.67 -19.03 9.63
CA LEU E 83 -6.20 -17.66 9.71
C LEU E 83 -6.15 -16.97 8.37
N SER E 84 -5.21 -17.38 7.54
CA SER E 84 -5.14 -16.89 6.16
C SER E 84 -6.29 -17.46 5.37
N ASP E 85 -6.57 -18.75 5.53
CA ASP E 85 -7.83 -19.31 5.02
C ASP E 85 -9.01 -18.45 5.38
N LEU E 86 -9.15 -18.12 6.65
CA LEU E 86 -10.34 -17.38 7.09
C LEU E 86 -10.38 -15.99 6.48
N HIS E 87 -9.25 -15.26 6.52
CA HIS E 87 -9.27 -13.83 6.13
C HIS E 87 -9.15 -13.58 4.63
N ALA E 88 -8.35 -14.39 3.96
CA ALA E 88 -8.11 -14.18 2.54
C ALA E 88 -9.07 -14.99 1.64
N HIS E 89 -9.37 -16.22 2.05
CA HIS E 89 -10.16 -17.15 1.23
C HIS E 89 -11.62 -16.93 1.53
N LYS E 90 -12.00 -17.05 2.78
CA LYS E 90 -13.39 -17.03 3.14
C LYS E 90 -13.94 -15.61 3.33
N LEU E 91 -13.23 -14.74 4.06
CA LEU E 91 -13.75 -13.41 4.41
C LEU E 91 -13.50 -12.34 3.34
N ARG E 92 -12.45 -12.54 2.54
CA ARG E 92 -11.98 -11.55 1.55
C ARG E 92 -11.82 -10.12 2.06
N VAL E 93 -11.10 -9.97 3.16
CA VAL E 93 -10.88 -8.67 3.77
C VAL E 93 -9.93 -7.84 2.87
N ASP E 94 -10.33 -6.62 2.56
CA ASP E 94 -9.52 -5.69 1.88
C ASP E 94 -8.32 -5.36 2.77
N PRO E 95 -7.11 -5.42 2.20
CA PRO E 95 -5.89 -5.23 2.98
C PRO E 95 -5.77 -3.85 3.67
N VAL E 96 -6.49 -2.84 3.17
CA VAL E 96 -6.49 -1.54 3.87
C VAL E 96 -6.91 -1.69 5.32
N ASN E 97 -7.86 -2.59 5.58
CA ASN E 97 -8.38 -2.84 6.94
C ASN E 97 -7.37 -3.33 7.89
N PHE E 98 -6.44 -4.13 7.42
CA PHE E 98 -5.28 -4.53 8.25
C PHE E 98 -4.34 -3.38 8.60
N LYS E 99 -4.15 -2.42 7.71
CA LYS E 99 -3.46 -1.19 8.13
C LYS E 99 -4.25 -0.47 9.22
N LEU E 100 -5.55 -0.38 9.08
CA LEU E 100 -6.39 0.29 10.09
C LEU E 100 -6.31 -0.38 11.47
N LEU E 101 -6.38 -1.69 11.52
CA LEU E 101 -6.30 -2.36 12.82
C LEU E 101 -4.91 -2.36 13.40
N SER E 102 -3.90 -2.55 12.56
CA SER E 102 -2.50 -2.42 13.00
C SER E 102 -2.27 -1.07 13.62
N HIS E 103 -2.70 -0.01 12.95
CA HIS E 103 -2.57 1.32 13.54
C HIS E 103 -3.25 1.39 14.91
N CYS E 104 -4.44 0.82 15.04
CA CYS E 104 -5.15 0.85 16.32
C CYS E 104 -4.52 0.04 17.43
N LEU E 105 -3.84 -1.06 17.07
CA LEU E 105 -3.02 -1.80 18.03
C LEU E 105 -1.83 -0.97 18.47
N LEU E 106 -1.12 -0.37 17.52
CA LEU E 106 -0.03 0.53 17.87
C LEU E 106 -0.42 1.66 18.84
N VAL E 107 -1.56 2.27 18.60
CA VAL E 107 -2.12 3.30 19.48
C VAL E 107 -2.49 2.74 20.85
N THR E 108 -3.10 1.56 20.87
CA THR E 108 -3.35 0.88 22.12
C THR E 108 -2.03 0.65 22.89
N LEU E 109 -0.99 0.24 22.19
CA LEU E 109 0.25 -0.09 22.87
C LEU E 109 0.94 1.17 23.42
N ALA E 110 0.96 2.23 22.63
CA ALA E 110 1.54 3.49 23.03
C ALA E 110 0.87 4.05 24.29
N ALA E 111 -0.45 3.92 24.36
CA ALA E 111 -1.26 4.48 25.43
C ALA E 111 -1.12 3.72 26.74
N HIS E 112 -0.86 2.41 26.65
CA HIS E 112 -0.83 1.55 27.81
C HIS E 112 0.56 1.14 28.26
N LEU E 113 1.56 1.23 27.38
CA LEU E 113 2.88 0.70 27.67
C LEU E 113 3.88 1.76 27.29
N PRO E 114 3.66 2.95 27.80
CA PRO E 114 4.44 4.03 27.28
C PRO E 114 5.96 3.83 27.48
N ALA E 115 6.40 3.25 28.59
CA ALA E 115 7.85 3.13 28.81
C ALA E 115 8.50 2.28 27.71
N GLU E 116 7.72 1.33 27.21
CA GLU E 116 8.26 0.38 26.25
C GLU E 116 8.17 0.78 24.79
N PHE E 117 7.25 1.68 24.48
CA PHE E 117 6.99 2.10 23.13
C PHE E 117 8.01 3.20 22.73
N THR E 118 9.27 2.84 22.79
CA THR E 118 10.32 3.61 22.22
C THR E 118 10.20 3.67 20.69
N PRO E 119 10.91 4.61 20.06
CA PRO E 119 10.85 4.68 18.61
C PRO E 119 11.29 3.40 17.88
N ALA E 120 12.42 2.81 18.30
CA ALA E 120 12.89 1.53 17.76
C ALA E 120 11.88 0.37 17.91
N VAL E 121 11.21 0.34 19.06
CA VAL E 121 10.28 -0.72 19.32
C VAL E 121 9.01 -0.51 18.54
N HIS E 122 8.63 0.75 18.39
CA HIS E 122 7.51 1.16 17.54
C HIS E 122 7.74 0.69 16.10
N ALA E 123 8.95 0.94 15.61
CA ALA E 123 9.39 0.44 14.31
C ALA E 123 9.28 -1.08 14.11
N SER E 124 9.77 -1.88 15.06
CA SER E 124 9.60 -3.35 15.01
C SER E 124 8.15 -3.83 15.02
N LEU E 125 7.36 -3.25 15.89
CA LEU E 125 5.95 -3.65 16.03
C LEU E 125 5.18 -3.40 14.74
N ASP E 126 5.46 -2.26 14.11
CA ASP E 126 4.79 -1.92 12.85
C ASP E 126 5.21 -2.87 11.73
N LYS E 127 6.50 -3.20 11.66
CA LYS E 127 6.95 -4.18 10.65
C LYS E 127 6.39 -5.54 10.95
N PHE E 128 6.39 -5.93 12.22
CA PHE E 128 5.77 -7.22 12.64
C PHE E 128 4.31 -7.31 12.23
N LEU E 129 3.57 -6.25 12.50
CA LEU E 129 2.12 -6.28 12.15
C LEU E 129 1.88 -6.28 10.67
N ALA E 130 2.71 -5.57 9.92
CA ALA E 130 2.61 -5.61 8.46
C ALA E 130 2.84 -7.05 7.97
N SER E 131 3.74 -7.77 8.61
CA SER E 131 4.12 -9.10 8.18
C SER E 131 3.01 -10.07 8.44
N VAL E 132 2.43 -9.97 9.62
CA VAL E 132 1.23 -10.70 9.95
C VAL E 132 0.12 -10.44 8.95
N SER E 133 -0.10 -9.16 8.65
CA SER E 133 -1.15 -8.75 7.70
C SER E 133 -0.94 -9.39 6.34
N THR E 134 0.29 -9.33 5.83
CA THR E 134 0.61 -9.89 4.50
C THR E 134 0.27 -11.37 4.43
N VAL E 135 0.58 -12.09 5.50
CA VAL E 135 0.18 -13.50 5.63
C VAL E 135 -1.34 -13.74 5.68
N LEU E 136 -2.08 -12.97 6.48
CA LEU E 136 -3.51 -13.18 6.56
C LEU E 136 -4.25 -12.68 5.32
N THR E 137 -3.60 -11.86 4.47
CA THR E 137 -4.23 -11.37 3.22
C THR E 137 -3.77 -12.15 1.96
N SER E 138 -2.97 -13.20 2.15
CA SER E 138 -2.44 -13.99 1.05
C SER E 138 -3.13 -15.35 0.97
N LYS E 139 -3.40 -15.81 -0.23
CA LYS E 139 -3.83 -17.18 -0.47
C LYS E 139 -2.60 -17.92 -0.88
N TYR E 140 -2.14 -18.83 -0.04
CA TYR E 140 -0.94 -19.60 -0.34
C TYR E 140 -1.06 -21.09 -0.10
N ARG E 141 -2.30 -21.57 0.07
CA ARG E 141 -2.61 -22.98 0.46
C ARG E 141 -4.08 -23.28 0.25
N GLU F 6 -18.04 19.50 20.58
CA GLU F 6 -17.73 18.46 21.61
C GLU F 6 -16.44 17.68 21.30
N GLU F 7 -16.37 17.09 20.12
CA GLU F 7 -15.10 16.56 19.55
C GLU F 7 -14.03 17.64 19.55
N LYS F 8 -14.46 18.84 19.17
CA LYS F 8 -13.58 19.99 19.11
C LYS F 8 -13.00 20.29 20.47
N SER F 9 -13.81 20.18 21.52
CA SER F 9 -13.34 20.54 22.86
C SER F 9 -12.39 19.48 23.39
N ALA F 10 -12.72 18.22 23.10
CA ALA F 10 -11.83 17.07 23.41
C ALA F 10 -10.46 17.20 22.75
N VAL F 11 -10.45 17.48 21.45
CA VAL F 11 -9.19 17.64 20.66
C VAL F 11 -8.35 18.81 21.15
N THR F 12 -9.05 19.91 21.33
CA THR F 12 -8.50 21.15 21.80
C THR F 12 -8.00 21.07 23.24
N ALA F 13 -8.72 20.37 24.09
CA ALA F 13 -8.31 20.28 25.49
C ALA F 13 -6.95 19.58 25.55
N LEU F 14 -6.84 18.48 24.82
CA LEU F 14 -5.55 17.82 24.74
C LEU F 14 -4.47 18.65 24.02
N TRP F 15 -4.86 19.37 22.97
CA TRP F 15 -3.91 20.12 22.18
C TRP F 15 -3.27 21.24 23.02
N GLY F 16 -4.08 21.82 23.92
CA GLY F 16 -3.63 22.79 24.90
C GLY F 16 -2.48 22.35 25.80
N LYS F 17 -2.39 21.06 26.10
CA LYS F 17 -1.27 20.51 26.85
C LYS F 17 -0.05 20.11 25.99
N VAL F 18 -0.20 20.07 24.69
CA VAL F 18 0.91 19.70 23.81
C VAL F 18 2.02 20.72 23.83
N ASN F 19 3.22 20.28 24.18
CA ASN F 19 4.38 21.15 24.09
C ASN F 19 4.77 21.37 22.66
N VAL F 20 4.48 22.56 22.14
CA VAL F 20 4.51 22.80 20.71
C VAL F 20 5.95 22.87 20.19
N ASP F 21 6.92 22.93 21.10
CA ASP F 21 8.33 22.93 20.70
C ASP F 21 8.93 21.56 20.63
N GLU F 22 8.20 20.53 21.09
CA GLU F 22 8.78 19.18 21.10
C GLU F 22 7.97 18.12 20.32
N VAL F 23 6.65 18.25 20.29
CA VAL F 23 5.81 17.12 19.89
C VAL F 23 5.91 16.87 18.37
N GLY F 24 6.08 17.97 17.63
CA GLY F 24 6.26 17.98 16.18
C GLY F 24 7.55 17.30 15.82
N GLY F 25 8.59 17.56 16.59
CA GLY F 25 9.89 16.90 16.38
C GLY F 25 9.88 15.42 16.73
N GLU F 26 9.15 15.09 17.78
CA GLU F 26 8.82 13.70 18.11
C GLU F 26 8.12 12.87 17.03
N ALA F 27 7.02 13.40 16.51
CA ALA F 27 6.31 12.73 15.44
C ALA F 27 7.22 12.56 14.21
N LEU F 28 7.92 13.64 13.84
CA LEU F 28 8.69 13.66 12.59
C LEU F 28 9.82 12.69 12.73
N GLY F 29 10.40 12.69 13.92
CA GLY F 29 11.42 11.73 14.26
C GLY F 29 10.97 10.29 14.13
N ARG F 30 9.76 9.99 14.63
CA ARG F 30 9.23 8.64 14.52
C ARG F 30 8.87 8.29 13.11
N LEU F 31 8.31 9.22 12.35
CA LEU F 31 8.20 8.99 10.90
C LEU F 31 9.54 8.49 10.31
N LEU F 32 10.63 9.21 10.55
CA LEU F 32 11.92 8.85 9.91
C LEU F 32 12.44 7.49 10.36
N VAL F 33 12.11 7.09 11.58
CA VAL F 33 12.60 5.85 12.13
C VAL F 33 11.76 4.63 11.78
N VAL F 34 10.45 4.81 11.76
CA VAL F 34 9.52 3.70 11.50
C VAL F 34 9.38 3.45 9.99
N TYR F 35 9.43 4.52 9.18
CA TYR F 35 9.32 4.44 7.70
C TYR F 35 10.57 5.09 7.04
N PRO F 36 11.70 4.34 7.00
CA PRO F 36 13.06 4.90 6.86
C PRO F 36 13.31 5.56 5.52
N TRP F 37 12.63 5.08 4.48
CA TRP F 37 12.69 5.76 3.17
C TRP F 37 12.33 7.25 3.24
N THR F 38 11.58 7.67 4.25
CA THR F 38 11.23 9.09 4.33
C THR F 38 12.42 9.95 4.57
N GLN F 39 13.47 9.35 5.08
CA GLN F 39 14.73 10.06 5.33
C GLN F 39 15.30 10.73 4.11
N ARG F 40 15.01 10.13 2.97
CA ARG F 40 15.55 10.58 1.69
C ARG F 40 15.09 12.00 1.35
N PHE F 41 13.90 12.33 1.80
CA PHE F 41 13.36 13.67 1.64
C PHE F 41 14.05 14.72 2.51
N PHE F 42 14.75 14.32 3.56
CA PHE F 42 15.35 15.23 4.51
C PHE F 42 16.86 14.98 4.58
N GLU F 43 17.49 14.63 3.47
CA GLU F 43 18.95 14.55 3.43
C GLU F 43 19.64 15.82 3.95
N SER F 44 19.03 16.97 3.70
CA SER F 44 19.53 18.29 4.16
C SER F 44 19.73 18.43 5.66
N PHE F 45 19.27 17.43 6.43
CA PHE F 45 19.20 17.56 7.88
C PHE F 45 20.44 17.00 8.53
N GLY F 46 21.29 16.36 7.75
CA GLY F 46 22.54 15.80 8.27
C GLY F 46 22.40 14.34 8.64
N ASP F 47 23.02 13.92 9.73
CA ASP F 47 23.06 12.50 10.08
C ASP F 47 21.69 12.00 10.55
N LEU F 48 21.14 11.04 9.81
CA LEU F 48 19.91 10.34 10.22
C LEU F 48 20.11 8.84 10.21
N SER F 49 21.36 8.42 10.40
CA SER F 49 21.74 7.03 10.11
C SER F 49 21.34 6.14 11.27
N THR F 50 20.74 6.70 12.32
CA THR F 50 20.53 5.95 13.56
C THR F 50 19.33 6.49 14.28
N PRO F 51 18.64 5.66 15.07
CA PRO F 51 17.49 6.20 15.79
C PRO F 51 17.80 7.33 16.79
N ASP F 52 18.87 7.17 17.55
CA ASP F 52 19.32 8.28 18.43
C ASP F 52 19.81 9.50 17.61
N ALA F 53 20.57 9.28 16.54
CA ALA F 53 20.93 10.38 15.63
C ALA F 53 19.67 11.15 15.13
N VAL F 54 18.67 10.42 14.68
CA VAL F 54 17.38 10.99 14.25
C VAL F 54 16.73 11.77 15.37
N MET F 55 16.50 11.10 16.49
CA MET F 55 15.68 11.70 17.53
C MET F 55 16.41 12.89 18.18
N GLY F 56 17.75 12.89 18.14
CA GLY F 56 18.54 14.06 18.59
C GLY F 56 19.04 15.02 17.49
N ASN F 57 18.46 14.95 16.30
CA ASN F 57 18.84 15.85 15.22
C ASN F 57 18.12 17.19 15.43
N PRO F 58 18.90 18.27 15.60
CA PRO F 58 18.30 19.55 15.98
C PRO F 58 17.49 20.15 14.85
N LYS F 59 17.84 19.79 13.61
CA LYS F 59 17.04 20.21 12.45
C LYS F 59 15.69 19.43 12.31
N VAL F 60 15.68 18.16 12.71
CA VAL F 60 14.43 17.40 12.84
C VAL F 60 13.50 18.06 13.82
N LYS F 61 14.04 18.42 14.97
CA LYS F 61 13.23 19.12 15.97
C LYS F 61 12.76 20.48 15.49
N ALA F 62 13.64 21.24 14.86
CA ALA F 62 13.28 22.55 14.34
C ALA F 62 12.18 22.41 13.28
N HIS F 63 12.41 21.52 12.32
CA HIS F 63 11.40 21.33 11.25
C HIS F 63 10.05 20.76 11.73
N GLY F 64 10.10 19.88 12.74
CA GLY F 64 8.92 19.33 13.39
C GLY F 64 8.04 20.40 14.00
N LYS F 65 8.67 21.37 14.63
CA LYS F 65 7.98 22.54 15.11
C LYS F 65 7.09 23.17 14.05
N LYS F 66 7.60 23.31 12.83
CA LYS F 66 6.81 23.93 11.75
C LYS F 66 5.64 23.08 11.35
N VAL F 67 5.86 21.75 11.30
CA VAL F 67 4.84 20.80 10.86
C VAL F 67 3.67 20.79 11.85
N LEU F 68 3.98 20.76 13.13
CA LEU F 68 2.95 20.87 14.17
C LEU F 68 2.21 22.19 14.07
N GLY F 69 2.99 23.25 13.83
CA GLY F 69 2.46 24.55 13.51
C GLY F 69 1.37 24.56 12.47
N ALA F 70 1.60 23.84 11.39
CA ALA F 70 0.58 23.66 10.37
C ALA F 70 -0.68 22.90 10.87
N PHE F 71 -0.48 21.87 11.71
CA PHE F 71 -1.64 21.14 12.29
C PHE F 71 -2.39 22.09 13.26
N SER F 72 -1.64 22.89 14.00
CA SER F 72 -2.23 23.86 14.93
C SER F 72 -3.11 24.84 14.18
N ASP F 73 -2.55 25.43 13.14
CA ASP F 73 -3.32 26.29 12.21
C ASP F 73 -4.60 25.61 11.69
N GLY F 74 -4.42 24.36 11.25
CA GLY F 74 -5.54 23.56 10.81
C GLY F 74 -6.72 23.56 11.76
N LEU F 75 -6.44 23.45 13.06
CA LEU F 75 -7.48 23.27 14.08
C LEU F 75 -8.50 24.41 14.10
N ALA F 76 -8.04 25.61 13.75
CA ALA F 76 -8.96 26.75 13.65
C ALA F 76 -9.76 26.80 12.36
N HIS F 77 -9.44 25.96 11.37
CA HIS F 77 -10.03 26.07 10.03
C HIS F 77 -10.41 24.74 9.45
N LEU F 78 -11.07 23.96 10.29
CA LEU F 78 -11.33 22.57 9.98
C LEU F 78 -12.24 22.41 8.75
N ASP F 79 -12.98 23.46 8.45
CA ASP F 79 -13.97 23.48 7.38
C ASP F 79 -13.44 24.16 6.10
N ASN F 80 -12.16 24.49 6.06
CA ASN F 80 -11.52 24.68 4.77
C ASN F 80 -10.02 24.46 4.85
N LEU F 81 -9.70 23.20 5.03
CA LEU F 81 -8.34 22.80 5.08
C LEU F 81 -7.69 22.95 3.73
N LYS F 82 -8.46 22.75 2.68
CA LYS F 82 -7.89 22.75 1.32
C LYS F 82 -7.34 24.13 0.99
N GLY F 83 -8.11 25.15 1.33
CA GLY F 83 -7.73 26.53 1.12
C GLY F 83 -6.49 26.85 1.92
N THR F 84 -6.57 26.60 3.21
CA THR F 84 -5.44 26.81 4.10
C THR F 84 -4.13 26.13 3.63
N PHE F 85 -4.23 24.92 3.08
CA PHE F 85 -3.04 24.12 2.80
C PHE F 85 -2.63 24.20 1.33
N ALA F 86 -3.23 25.11 0.58
CA ALA F 86 -3.02 25.13 -0.87
C ALA F 86 -1.54 25.38 -1.21
N THR F 87 -0.89 26.30 -0.51
CA THR F 87 0.52 26.59 -0.82
C THR F 87 1.38 25.38 -0.49
N LEU F 88 1.11 24.77 0.66
CA LEU F 88 1.86 23.58 1.08
C LEU F 88 1.65 22.38 0.15
N SER F 89 0.43 22.20 -0.34
CA SER F 89 0.10 21.11 -1.28
C SER F 89 0.94 21.22 -2.56
N GLU F 90 1.11 22.45 -3.01
CA GLU F 90 2.02 22.76 -4.09
C GLU F 90 3.44 22.40 -3.77
N LEU F 91 3.88 22.77 -2.59
CA LEU F 91 5.22 22.40 -2.23
C LEU F 91 5.38 20.87 -2.25
N HIS F 92 4.47 20.14 -1.61
CA HIS F 92 4.75 18.71 -1.31
C HIS F 92 4.49 17.81 -2.54
N CYS F 93 3.50 18.17 -3.34
CA CYS F 93 3.13 17.45 -4.55
C CYS F 93 3.93 17.85 -5.78
N ASP F 94 3.93 19.14 -6.14
CA ASP F 94 4.51 19.63 -7.40
C ASP F 94 6.03 19.74 -7.37
N LYS F 95 6.62 19.99 -6.22
CA LYS F 95 8.06 20.25 -6.16
C LYS F 95 8.78 19.06 -5.53
N LEU F 96 8.30 18.59 -4.39
CA LEU F 96 8.94 17.46 -3.73
C LEU F 96 8.44 16.12 -4.29
N HIS F 97 7.22 16.06 -4.78
CA HIS F 97 6.65 14.80 -5.22
C HIS F 97 6.64 13.74 -4.12
N VAL F 98 6.30 14.16 -2.91
CA VAL F 98 5.98 13.18 -1.86
C VAL F 98 4.76 12.31 -2.23
N ASP F 99 4.92 10.98 -2.24
CA ASP F 99 3.76 10.12 -2.34
C ASP F 99 2.73 10.37 -1.21
N PRO F 100 1.46 10.46 -1.57
CA PRO F 100 0.51 10.94 -0.57
C PRO F 100 0.25 9.93 0.55
N GLU F 101 0.53 8.67 0.32
CA GLU F 101 0.48 7.70 1.40
C GLU F 101 1.36 8.11 2.59
N ASN F 102 2.49 8.75 2.33
CA ASN F 102 3.34 9.26 3.42
C ASN F 102 2.72 10.38 4.27
N PHE F 103 1.79 11.17 3.71
CA PHE F 103 1.02 12.14 4.50
C PHE F 103 0.15 11.38 5.49
N ARG F 104 -0.42 10.26 5.07
CA ARG F 104 -1.29 9.47 5.94
C ARG F 104 -0.47 8.81 7.06
N LEU F 105 0.70 8.30 6.70
CA LEU F 105 1.65 7.76 7.68
C LEU F 105 2.09 8.78 8.79
N LEU F 106 2.37 10.02 8.42
CA LEU F 106 2.73 11.02 9.44
C LEU F 106 1.57 11.39 10.36
N GLY F 107 0.41 11.58 9.76
CA GLY F 107 -0.82 11.71 10.53
C GLY F 107 -0.98 10.63 11.59
N ASN F 108 -0.78 9.38 11.17
CA ASN F 108 -0.88 8.29 12.11
C ASN F 108 0.25 8.17 13.11
N VAL F 109 1.47 8.52 12.73
CA VAL F 109 2.56 8.57 13.71
C VAL F 109 2.29 9.67 14.78
N LEU F 110 1.76 10.82 14.34
CA LEU F 110 1.35 11.83 15.28
C LEU F 110 0.35 11.25 16.26
N VAL F 111 -0.68 10.58 15.76
CA VAL F 111 -1.69 10.00 16.63
C VAL F 111 -1.04 9.05 17.67
N CYS F 112 -0.05 8.27 17.24
CA CYS F 112 0.67 7.40 18.19
C CYS F 112 1.42 8.19 19.26
N VAL F 113 2.02 9.30 18.88
CA VAL F 113 2.74 10.21 19.82
C VAL F 113 1.76 10.83 20.84
N LEU F 114 0.63 11.34 20.36
CA LEU F 114 -0.42 11.79 21.27
C LEU F 114 -0.79 10.72 22.27
N ALA F 115 -1.11 9.52 21.79
CA ALA F 115 -1.56 8.49 22.73
C ALA F 115 -0.44 8.18 23.74
N HIS F 116 0.80 8.20 23.29
CA HIS F 116 1.94 7.98 24.17
C HIS F 116 2.00 8.98 25.29
N HIS F 117 1.82 10.26 24.96
CA HIS F 117 1.88 11.32 25.96
C HIS F 117 0.68 11.30 26.90
N PHE F 118 -0.51 11.03 26.40
CA PHE F 118 -1.73 11.32 27.14
C PHE F 118 -2.44 10.12 27.69
N GLY F 119 -1.91 8.95 27.39
CA GLY F 119 -2.46 7.70 27.88
C GLY F 119 -3.97 7.69 28.07
N LYS F 120 -4.41 7.37 29.28
CA LYS F 120 -5.84 7.26 29.69
C LYS F 120 -6.75 8.33 29.10
N GLU F 121 -6.22 9.55 28.95
CA GLU F 121 -6.99 10.63 28.33
C GLU F 121 -7.15 10.48 26.82
N PHE F 122 -6.35 9.65 26.15
CA PHE F 122 -6.52 9.37 24.70
C PHE F 122 -7.53 8.24 24.43
N THR F 123 -8.78 8.54 24.75
CA THR F 123 -9.82 7.53 24.76
C THR F 123 -10.20 7.22 23.33
N PRO F 124 -10.90 6.11 23.12
CA PRO F 124 -11.32 5.84 21.74
C PRO F 124 -12.04 6.99 21.06
N PRO F 125 -13.04 7.64 21.69
CA PRO F 125 -13.67 8.74 20.93
C PRO F 125 -12.75 9.93 20.68
N VAL F 126 -11.82 10.19 21.59
CA VAL F 126 -10.84 11.25 21.37
C VAL F 126 -9.97 10.88 20.18
N GLN F 127 -9.54 9.63 20.11
CA GLN F 127 -8.78 9.18 18.98
C GLN F 127 -9.56 9.40 17.71
N ALA F 128 -10.82 8.97 17.72
CA ALA F 128 -11.64 9.02 16.48
C ALA F 128 -11.72 10.43 15.92
N ALA F 129 -11.77 11.38 16.82
CA ALA F 129 -11.80 12.78 16.49
C ALA F 129 -10.46 13.22 15.86
N TYR F 130 -9.36 12.78 16.44
CA TYR F 130 -8.08 13.09 15.89
C TYR F 130 -7.90 12.44 14.50
N GLN F 131 -8.45 11.25 14.32
CA GLN F 131 -8.35 10.61 13.01
C GLN F 131 -9.07 11.46 11.96
N LYS F 132 -10.20 12.06 12.29
CA LYS F 132 -10.83 12.97 11.33
C LYS F 132 -9.92 14.16 10.96
N VAL F 133 -9.17 14.66 11.92
CA VAL F 133 -8.32 15.80 11.72
C VAL F 133 -7.16 15.38 10.84
N VAL F 134 -6.46 14.31 11.19
CA VAL F 134 -5.27 13.95 10.43
C VAL F 134 -5.63 13.53 9.01
N ALA F 135 -6.74 12.85 8.84
CA ALA F 135 -7.25 12.57 7.50
C ALA F 135 -7.61 13.83 6.69
N GLY F 136 -8.21 14.81 7.36
CA GLY F 136 -8.48 16.09 6.74
C GLY F 136 -7.22 16.80 6.24
N VAL F 137 -6.21 16.81 7.09
CA VAL F 137 -4.98 17.46 6.76
C VAL F 137 -4.28 16.76 5.61
N ALA F 138 -4.29 15.44 5.61
CA ALA F 138 -3.53 14.69 4.63
C ALA F 138 -4.19 14.87 3.26
N ASN F 139 -5.51 14.85 3.26
CA ASN F 139 -6.26 15.06 2.03
C ASN F 139 -6.08 16.47 1.44
N ALA F 140 -6.07 17.46 2.34
CA ALA F 140 -5.79 18.85 1.95
C ALA F 140 -4.37 19.07 1.41
N LEU F 141 -3.41 18.48 2.08
CA LEU F 141 -2.06 18.40 1.57
C LEU F 141 -1.91 17.68 0.21
N ALA F 142 -2.75 16.68 -0.03
CA ALA F 142 -2.70 15.92 -1.29
C ALA F 142 -3.51 16.55 -2.44
N HIS F 143 -4.14 17.69 -2.17
CA HIS F 143 -5.15 18.23 -3.06
C HIS F 143 -4.64 18.40 -4.48
N LYS F 144 -3.39 18.81 -4.64
CA LYS F 144 -2.83 19.01 -5.98
C LYS F 144 -2.60 17.72 -6.81
N TYR F 145 -2.64 16.55 -6.17
CA TYR F 145 -2.77 15.26 -6.91
C TYR F 145 -4.22 14.97 -7.31
N HIS F 146 -5.18 15.72 -6.83
CA HIS F 146 -6.55 15.36 -7.10
C HIS F 146 -7.05 16.09 -8.34
C1 GOL G . 5.18 -17.03 -33.57
O1 GOL G . 6.08 -17.90 -32.82
C2 GOL G . 5.25 -15.68 -32.98
O2 GOL G . 5.71 -15.95 -31.64
C3 GOL G . 6.29 -14.92 -33.77
O3 GOL G . 5.71 -14.16 -34.85
CHA HEM H . 20.77 -0.43 -8.78
CHB HEM H . 17.95 -4.32 -8.94
CHC HEM H . 14.07 -1.48 -8.37
CHD HEM H . 16.94 2.40 -8.21
C1A HEM H . 20.32 -1.69 -8.87
C2A HEM H . 21.17 -2.78 -9.10
C3A HEM H . 20.35 -3.87 -9.13
C4A HEM H . 19.04 -3.46 -8.94
CMA HEM H . 20.77 -5.29 -9.39
CAA HEM H . 22.67 -2.73 -9.31
CBA HEM H . 23.52 -3.39 -8.21
CGA HEM H . 24.89 -3.67 -8.79
O1A HEM H . 25.39 -4.84 -8.70
O2A HEM H . 25.50 -2.75 -9.42
C1B HEM H . 16.60 -3.90 -8.81
C2B HEM H . 15.49 -4.76 -8.87
C3B HEM H . 14.40 -3.98 -8.70
C4B HEM H . 14.88 -2.59 -8.57
CMB HEM H . 15.48 -6.29 -9.04
CAB HEM H . 12.97 -4.37 -8.75
CBB HEM H . 12.52 -5.54 -9.24
C1C HEM H . 14.50 -0.15 -8.28
C2C HEM H . 13.66 0.98 -8.32
C3C HEM H . 14.50 2.07 -8.27
C4C HEM H . 15.83 1.59 -8.22
CMC HEM H . 12.14 0.98 -8.33
CAC HEM H . 14.22 3.54 -8.33
CBC HEM H . 13.12 4.08 -8.79
C1D HEM H . 18.19 1.86 -8.36
C2D HEM H . 19.35 2.75 -8.41
C3D HEM H . 20.41 1.95 -8.56
C4D HEM H . 19.89 0.60 -8.63
CMD HEM H . 19.38 4.26 -8.31
CAD HEM H . 21.85 2.38 -8.65
CBD HEM H . 22.17 2.88 -10.08
CGD HEM H . 23.48 3.68 -10.14
O1D HEM H . 23.40 4.94 -10.13
O2D HEM H . 24.61 3.10 -10.20
NA HEM H . 19.03 -2.10 -8.78
NB HEM H . 16.20 -2.63 -8.62
NC HEM H . 15.80 0.27 -8.29
ND HEM H . 18.54 0.57 -8.47
FE HEM H . 17.43 -0.97 -8.47
O1 OXY I . 17.30 -0.52 -10.49
O2 OXY I . 16.32 -0.40 -11.17
CHA HEM J . -20.96 -0.65 -10.64
CHB HEM J . -17.71 1.77 -13.36
CHC HEM J . -14.25 0.38 -10.27
CHD HEM J . -17.37 -2.15 -7.76
C1A HEM J . -20.38 0.13 -11.63
C2A HEM J . -21.07 0.62 -12.77
C3A HEM J . -20.14 1.30 -13.53
C4A HEM J . -18.89 1.22 -12.87
CMA HEM J . -20.41 2.00 -14.86
CAA HEM J . -22.54 0.44 -13.11
CBA HEM J . -23.44 1.32 -12.23
CGA HEM J . -24.79 1.53 -12.89
O1A HEM J . -25.43 2.59 -12.77
O2A HEM J . -25.27 0.65 -13.64
C1B HEM J . -16.47 1.59 -12.74
C2B HEM J . -15.27 2.15 -13.20
C3B HEM J . -14.30 1.75 -12.34
C4B HEM J . -14.97 0.96 -11.32
CMB HEM J . -15.13 3.02 -14.44
CAB HEM J . -12.85 2.06 -12.19
CBB HEM J . -12.31 3.11 -12.73
C1C HEM J . -14.78 -0.46 -9.32
C2C HEM J . -14.01 -1.14 -8.35
C3C HEM J . -14.93 -1.88 -7.61
C4C HEM J . -16.22 -1.61 -8.18
CMC HEM J . -12.53 -1.09 -8.16
CAC HEM J . -14.69 -2.80 -6.48
CBC HEM J . -13.48 -3.20 -6.06
C1D HEM J . -18.59 -1.91 -8.38
C2D HEM J . -19.77 -2.56 -7.85
C3D HEM J . -20.79 -2.14 -8.61
C4D HEM J . -20.19 -1.26 -9.63
CMD HEM J . -19.87 -3.53 -6.67
CAD HEM J . -22.17 -2.70 -8.40
CBD HEM J . -23.39 -1.79 -8.51
CGD HEM J . -24.64 -2.68 -8.40
O1D HEM J . -25.75 -2.12 -8.15
O2D HEM J . -24.56 -3.96 -8.55
NA HEM J . -19.04 0.48 -11.73
NB HEM J . -16.25 0.92 -11.61
NC HEM J . -16.11 -0.76 -9.21
ND HEM J . -18.87 -1.11 -9.42
FE HEM J . -17.62 -0.16 -10.49
O1 OXY K . -17.39 -1.81 -11.24
O2 OXY K . -16.36 -2.23 -11.71
C1 GOL L . -10.03 18.03 -16.00
O1 GOL L . -9.15 18.18 -17.16
C2 GOL L . -10.72 16.63 -15.88
O2 GOL L . -9.77 15.57 -15.79
C3 GOL L . -11.50 16.54 -14.56
O3 GOL L . -12.90 16.83 -14.74
CHA HEM M . -11.95 -13.60 12.89
CHB HEM M . -7.42 -12.76 13.97
CHC HEM M . -7.51 -8.71 11.34
CHD HEM M . -12.22 -9.43 10.48
C1A HEM M . -10.72 -13.72 13.41
C2A HEM M . -10.31 -14.71 14.33
C3A HEM M . -9.03 -14.45 14.63
C4A HEM M . -8.66 -13.32 13.89
CMA HEM M . -8.15 -15.22 15.58
CAA HEM M . -11.11 -15.86 14.92
CBA HEM M . -10.56 -17.23 14.55
CGA HEM M . -11.51 -18.32 15.03
O1A HEM M . -12.08 -18.23 16.16
O2A HEM M . -11.72 -19.31 14.27
C1B HEM M . -7.05 -11.57 13.35
C2B HEM M . -5.76 -11.00 13.49
C3B HEM M . -5.75 -9.86 12.76
C4B HEM M . -7.10 -9.76 12.17
CMB HEM M . -4.61 -11.59 14.30
CAB HEM M . -4.69 -8.85 12.59
CBB HEM M . -3.67 -8.74 13.42
C1C HEM M . -8.81 -8.53 10.89
C2C HEM M . -9.31 -7.38 10.25
C3C HEM M . -10.66 -7.61 10.01
C4C HEM M . -10.98 -8.88 10.52
CMC HEM M . -8.51 -6.17 9.85
CAC HEM M . -11.69 -6.79 9.39
CBC HEM M . -11.54 -5.53 9.15
C1D HEM M . -12.45 -10.65 11.09
C2D HEM M . -13.79 -11.22 11.02
C3D HEM M . -13.71 -12.34 11.70
C4D HEM M . -12.31 -12.47 12.15
CMD HEM M . -15.06 -10.72 10.38
CAD HEM M . -14.84 -13.32 11.88
CBD HEM M . -15.69 -13.00 13.06
CGD HEM M . -16.81 -14.01 13.06
O1D HEM M . -17.92 -13.74 12.50
O2D HEM M . -16.60 -15.11 13.64
NA HEM M . -9.72 -12.84 13.19
NB HEM M . -7.78 -10.81 12.57
NC HEM M . -9.84 -9.38 11.08
ND HEM M . -11.59 -11.43 11.75
FE HEM M . -9.75 -11.18 12.08
O1 OXY N . -10.50 -10.21 13.76
O2 OXY N . -10.67 -9.00 13.80
CHA HEM O . 8.21 21.20 4.48
CHB HEM O . 3.94 20.51 6.83
CHC HEM O . 4.18 15.79 5.56
CHD HEM O . 8.53 16.44 3.54
C1A HEM O . 7.05 21.41 5.21
C2A HEM O . 6.68 22.66 5.80
C3A HEM O . 5.48 22.45 6.47
C4A HEM O . 5.09 21.10 6.30
CMA HEM O . 4.67 23.48 7.22
CAA HEM O . 7.46 23.97 5.69
CBA HEM O . 7.59 24.47 4.24
CGA HEM O . 8.02 25.95 4.20
O1A HEM O . 7.59 26.79 5.02
O2A HEM O . 8.84 26.36 3.35
C1B HEM O . 3.64 19.14 6.65
C2B HEM O . 2.45 18.50 7.11
C3B HEM O . 2.54 17.18 6.79
C4B HEM O . 3.78 17.04 6.06
CMB HEM O . 1.36 19.15 7.89
CAB HEM O . 1.63 16.02 6.94
CBB HEM O . 0.38 16.16 7.26
C1C HEM O . 5.37 15.55 4.94
C2C HEM O . 5.83 14.27 4.70
C3C HEM O . 7.04 14.42 4.10
C4C HEM O . 7.36 15.83 3.99
CMC HEM O . 5.16 12.91 4.93
CAC HEM O . 7.65 13.16 3.73
CBC HEM O . 8.79 13.08 3.14
C1D HEM O . 8.76 17.82 3.66
C2D HEM O . 9.99 18.42 3.13
C3D HEM O . 9.89 19.72 3.37
C4D HEM O . 8.61 19.93 4.05
CMD HEM O . 11.19 17.78 2.44
CAD HEM O . 10.97 20.72 2.99
CBD HEM O . 11.94 20.96 4.16
CGD HEM O . 13.11 21.88 3.81
O1D HEM O . 13.72 22.44 4.74
O2D HEM O . 13.47 22.08 2.61
NA HEM O . 6.09 20.47 5.56
NB HEM O . 4.39 18.22 6.00
NC HEM O . 6.33 16.48 4.58
ND HEM O . 7.95 18.76 4.21
FE HEM O . 6.26 18.51 5.10
O1 OXY P . 7.53 17.21 7.32
O2 OXY P . 7.19 18.17 6.69
#